data_3LSB
#
_entry.id   3LSB
#
_cell.length_a   57.398
_cell.length_b   100.845
_cell.length_c   80.635
_cell.angle_alpha   90.00
_cell.angle_beta   104.42
_cell.angle_gamma   90.00
#
_symmetry.space_group_name_H-M   'P 1 21 1'
#
loop_
_entity.id
_entity.type
_entity.pdbx_description
1 polymer 'Triazine hydrolase'
2 non-polymer "N-ethyl-N'-(1-methylethyl)-6-(methylsulfanyl)-1,3,5-triazine-2,4-diamine"
3 non-polymer 'ZINC ION'
4 water water
#
_entity_poly.entity_id   1
_entity_poly.type   'polypeptide(L)'
_entity_poly.pdbx_seq_one_letter_code
;MILIRGLTRVITFDDQERELEDADILIDGPKIVAVGKDLSDRSVSRTIDGRGMIALPGLINSHQHLYEGAMRAIPQLERV
TMASWLEGVLTRSAGWWRDGKFGPDVIREVARAVLLESLLGGITTVADQHLFFPGATADSYIDATIEAATDLGIRFHAAR
SSMTLGKSEGGFCDDLFVEPVDRVVQHCLGLIDQYHEPEPFGMVRIALGPCGVPYDKPELFEAFAQMAADYDVRLHTHFY
QPLDAGMSDHLYGMTPWRFLEKHGWASDRVWLAHAVVPPREEIPEFADAGVAIAHLIAPDLRMGWGLAPIREYLDAGITV
GFGTTGSASNDGGNLLGDLRLAALAHRPADPNEPEKWLSARELLRMATRGSAECLGRPDLGVLEEGRAADIACWRLDGVD
RVGVHDPAIGLIMTGLSDRASLVVVNGQVLVENERPVLADLERIVANTTALIPKNL
;
_entity_poly.pdbx_strand_id   A,B
#
loop_
_chem_comp.id
_chem_comp.type
_chem_comp.name
_chem_comp.formula
RYN non-polymer N-ethyl-N'-(1-methylethyl)-6-(methylsulfanyl)-1,3,5-triazine-2,4-diamine 'C9 H17 N5 S'
ZN non-polymer 'ZINC ION' 'Zn 2'
#
# COMPACT_ATOMS: atom_id res chain seq x y z
N MET A 1 20.54 -22.82 -21.95
CA MET A 1 19.22 -22.20 -22.07
C MET A 1 18.26 -22.56 -20.94
N ILE A 2 17.37 -21.61 -20.61
CA ILE A 2 16.42 -21.79 -19.51
C ILE A 2 14.98 -21.58 -19.98
N LEU A 3 14.12 -22.53 -19.65
CA LEU A 3 12.72 -22.45 -20.04
C LEU A 3 11.83 -22.20 -18.84
N ILE A 4 11.06 -21.13 -18.88
CA ILE A 4 10.00 -20.96 -17.88
C ILE A 4 8.70 -21.37 -18.55
N ARG A 5 8.12 -22.45 -18.05
CA ARG A 5 7.02 -23.11 -18.76
C ARG A 5 5.68 -23.01 -18.06
N GLY A 6 4.65 -22.64 -18.81
CA GLY A 6 3.29 -22.77 -18.30
C GLY A 6 2.88 -21.64 -17.37
N LEU A 7 3.48 -20.48 -17.58
CA LEU A 7 3.06 -19.29 -16.84
C LEU A 7 1.58 -19.03 -17.08
N THR A 8 0.82 -18.89 -16.01
CA THR A 8 -0.60 -18.59 -16.09
C THR A 8 -0.90 -17.33 -16.92
N ARG A 9 -0.08 -16.31 -16.76
CA ARG A 9 -0.30 -15.08 -17.52
C ARG A 9 1.05 -14.43 -17.75
N VAL A 10 1.30 -13.96 -18.98
CA VAL A 10 2.51 -13.22 -19.32
C VAL A 10 2.09 -11.86 -19.87
N ILE A 11 2.59 -10.78 -19.29
CA ILE A 11 2.32 -9.44 -19.78
C ILE A 11 3.57 -8.91 -20.48
N THR A 12 3.52 -8.74 -21.79
CA THR A 12 4.74 -8.40 -22.54
C THR A 12 5.10 -6.92 -22.57
N PHE A 13 4.11 -6.05 -22.52
CA PHE A 13 4.29 -4.62 -22.84
C PHE A 13 5.01 -4.46 -24.17
N ASP A 14 4.84 -5.42 -25.06
CA ASP A 14 5.39 -5.26 -26.40
C ASP A 14 4.53 -4.26 -27.15
N ASP A 15 4.84 -4.01 -28.42
CA ASP A 15 4.20 -2.94 -29.17
C ASP A 15 2.71 -3.20 -29.43
N GLN A 16 2.32 -4.47 -29.42
CA GLN A 16 0.90 -4.83 -29.56
C GLN A 16 0.28 -5.05 -28.19
N GLU A 17 1.06 -4.81 -27.14
CA GLU A 17 0.59 -5.02 -25.78
C GLU A 17 0.04 -6.43 -25.59
N ARG A 18 0.68 -7.40 -26.23
CA ARG A 18 0.31 -8.81 -26.12
C ARG A 18 0.36 -9.30 -24.68
N GLU A 19 -0.65 -10.08 -24.29
CA GLU A 19 -0.59 -10.88 -23.07
C GLU A 19 -0.88 -12.33 -23.46
N LEU A 20 -0.29 -13.28 -22.73
CA LEU A 20 -0.48 -14.68 -23.04
C LEU A 20 -0.95 -15.47 -21.82
N GLU A 21 -1.72 -16.52 -22.06
CA GLU A 21 -2.14 -17.41 -20.98
C GLU A 21 -1.47 -18.77 -21.14
N ASP A 22 -1.17 -19.43 -20.02
CA ASP A 22 -0.56 -20.74 -20.08
C ASP A 22 0.53 -20.73 -21.15
N ALA A 23 1.56 -19.91 -20.92
CA ALA A 23 2.59 -19.67 -21.92
C ALA A 23 3.99 -19.69 -21.32
N ASP A 24 5.01 -19.69 -22.20
CA ASP A 24 6.38 -19.94 -21.81
C ASP A 24 7.31 -18.77 -22.13
N ILE A 25 8.44 -18.72 -21.45
CA ILE A 25 9.52 -17.80 -21.80
C ILE A 25 10.83 -18.55 -21.90
N LEU A 26 11.52 -18.39 -23.04
CA LEU A 26 12.78 -19.10 -23.26
C LEU A 26 13.98 -18.12 -23.23
N ILE A 27 15.02 -18.51 -22.50
CA ILE A 27 16.15 -17.63 -22.21
C ILE A 27 17.50 -18.26 -22.58
N ASP A 28 18.32 -17.48 -23.25
CA ASP A 28 19.64 -17.94 -23.66
C ASP A 28 20.66 -16.87 -23.28
N GLY A 29 21.41 -17.14 -22.22
CA GLY A 29 22.36 -16.17 -21.69
C GLY A 29 21.60 -14.99 -21.12
N PRO A 30 21.99 -13.76 -21.51
CA PRO A 30 21.38 -12.54 -20.99
C PRO A 30 20.08 -12.15 -21.72
N LYS A 31 19.73 -12.86 -22.79
CA LYS A 31 18.62 -12.39 -23.59
C LYS A 31 17.43 -13.35 -23.76
N ILE A 32 16.26 -12.77 -24.03
CA ILE A 32 15.06 -13.54 -24.27
C ILE A 32 15.08 -14.03 -25.72
N VAL A 33 14.90 -15.33 -25.91
CA VAL A 33 14.87 -15.88 -27.27
C VAL A 33 13.44 -15.97 -27.78
N ALA A 34 12.52 -16.44 -26.94
CA ALA A 34 11.13 -16.55 -27.35
C ALA A 34 10.14 -16.32 -26.22
N VAL A 35 8.93 -15.93 -26.61
CA VAL A 35 7.81 -15.80 -25.70
C VAL A 35 6.60 -16.30 -26.46
N GLY A 36 6.00 -17.38 -25.98
CA GLY A 36 4.84 -17.97 -26.62
C GLY A 36 4.46 -19.32 -26.03
N LYS A 37 3.42 -19.93 -26.59
CA LYS A 37 2.92 -21.21 -26.10
C LYS A 37 3.78 -22.38 -26.55
N ASP A 38 3.87 -23.40 -25.70
CA ASP A 38 4.53 -24.65 -26.05
C ASP A 38 5.84 -24.40 -26.79
N LEU A 39 6.79 -23.78 -26.09
CA LEU A 39 8.11 -23.56 -26.64
C LEU A 39 8.93 -24.84 -26.49
N SER A 40 9.83 -25.07 -27.45
CA SER A 40 10.68 -26.26 -27.47
C SER A 40 11.78 -26.21 -26.43
N ASP A 41 11.96 -27.30 -25.69
CA ASP A 41 13.05 -27.38 -24.73
C ASP A 41 14.28 -28.00 -25.38
N ARG A 42 14.35 -27.88 -26.70
CA ARG A 42 15.46 -28.41 -27.50
C ARG A 42 16.81 -28.27 -26.78
N SER A 43 17.30 -27.04 -26.65
CA SER A 43 18.62 -26.82 -26.06
C SER A 43 18.56 -26.27 -24.62
N VAL A 44 17.55 -26.71 -23.87
CA VAL A 44 17.32 -26.26 -22.51
C VAL A 44 18.06 -27.11 -21.48
N SER A 45 18.69 -26.47 -20.50
CA SER A 45 19.37 -27.20 -19.45
C SER A 45 18.68 -27.05 -18.11
N ARG A 46 17.64 -26.23 -18.07
CA ARG A 46 16.84 -26.04 -16.86
C ARG A 46 15.42 -25.58 -17.22
N THR A 47 14.42 -26.33 -16.75
CA THR A 47 13.02 -25.93 -16.93
C THR A 47 12.40 -25.52 -15.61
N ILE A 48 11.75 -24.36 -15.60
CA ILE A 48 11.14 -23.85 -14.39
C ILE A 48 9.62 -23.81 -14.54
N ASP A 49 8.92 -24.38 -13.55
CA ASP A 49 7.46 -24.45 -13.55
C ASP A 49 6.85 -23.09 -13.25
N GLY A 50 6.23 -22.48 -14.26
CA GLY A 50 5.62 -21.17 -14.09
C GLY A 50 4.14 -21.21 -13.76
N ARG A 51 3.60 -22.40 -13.56
CA ARG A 51 2.18 -22.55 -13.32
C ARG A 51 1.73 -21.83 -12.05
N GLY A 52 0.68 -21.03 -12.19
CA GLY A 52 0.10 -20.32 -11.07
C GLY A 52 0.76 -18.97 -10.86
N MET A 53 1.65 -18.60 -11.79
CA MET A 53 2.35 -17.32 -11.71
C MET A 53 1.98 -16.36 -12.85
N ILE A 54 2.07 -15.07 -12.56
CA ILE A 54 2.04 -14.04 -13.60
C ILE A 54 3.46 -13.47 -13.78
N ALA A 55 3.91 -13.35 -15.03
CA ALA A 55 5.23 -12.82 -15.37
C ALA A 55 5.15 -11.46 -16.05
N LEU A 56 6.02 -10.56 -15.62
CA LEU A 56 6.17 -9.24 -16.22
C LEU A 56 7.64 -9.02 -16.55
N PRO A 57 7.93 -8.02 -17.38
CA PRO A 57 9.33 -7.57 -17.42
C PRO A 57 9.74 -7.16 -15.99
N GLY A 58 11.00 -7.34 -15.63
CA GLY A 58 11.43 -6.89 -14.31
C GLY A 58 11.03 -5.42 -14.12
N LEU A 59 10.63 -5.07 -12.90
CA LEU A 59 10.28 -3.68 -12.63
C LEU A 59 11.55 -2.86 -12.64
N ILE A 60 11.46 -1.60 -13.02
CA ILE A 60 12.65 -0.75 -13.05
C ILE A 60 12.42 0.49 -12.22
N ASN A 61 13.16 0.61 -11.11
CA ASN A 61 13.04 1.74 -10.22
C ASN A 61 13.90 2.88 -10.75
N SER A 62 13.28 3.87 -11.38
CA SER A 62 14.05 4.92 -12.05
C SER A 62 14.53 6.06 -11.13
N HIS A 63 14.27 5.94 -9.83
CA HIS A 63 14.73 6.98 -8.89
C HIS A 63 14.86 6.49 -7.45
N GLN A 64 16.10 6.29 -7.01
CA GLN A 64 16.37 5.86 -5.64
C GLN A 64 17.41 6.79 -5.01
N HIS A 65 17.45 6.83 -3.68
CA HIS A 65 18.64 7.31 -2.95
C HIS A 65 18.96 6.24 -1.92
N LEU A 66 19.85 5.32 -2.29
CA LEU A 66 20.03 4.09 -1.52
C LEU A 66 20.48 4.32 -0.08
N TYR A 67 21.30 5.34 0.11
CA TYR A 67 21.85 5.62 1.44
C TYR A 67 20.79 6.01 2.47
N GLU A 68 19.64 6.48 2.00
CA GLU A 68 18.53 6.79 2.90
C GLU A 68 17.91 5.53 3.55
N GLY A 69 18.29 4.35 3.08
CA GLY A 69 17.86 3.13 3.72
C GLY A 69 18.19 3.12 5.22
N ALA A 70 19.21 3.89 5.59
CA ALA A 70 19.67 4.00 6.98
C ALA A 70 18.81 4.97 7.80
N MET A 71 17.86 5.64 7.14
CA MET A 71 17.11 6.71 7.80
C MET A 71 15.59 6.51 7.79
N ARG A 72 15.18 5.27 7.93
CA ARG A 72 13.76 4.91 7.83
C ARG A 72 13.01 5.15 9.13
N ALA A 73 11.79 5.66 9.02
CA ALA A 73 10.89 5.63 10.16
C ALA A 73 11.50 6.38 11.35
N ILE A 74 12.10 7.53 11.08
CA ILE A 74 12.61 8.41 12.13
C ILE A 74 11.47 9.28 12.65
N PRO A 75 11.16 9.20 13.95
CA PRO A 75 9.94 9.85 14.43
C PRO A 75 9.94 11.37 14.22
N GLN A 76 11.08 12.02 14.39
CA GLN A 76 11.13 13.46 14.17
C GLN A 76 10.87 13.85 12.72
N LEU A 77 11.05 12.91 11.81
CA LEU A 77 10.82 13.17 10.40
C LEU A 77 9.50 12.60 9.86
N GLU A 78 8.67 12.06 10.76
CA GLU A 78 7.42 11.43 10.30
C GLU A 78 6.48 12.42 9.63
N ARG A 79 6.20 13.53 10.31
CA ARG A 79 5.30 14.55 9.76
C ARG A 79 5.99 15.91 9.72
N VAL A 80 6.68 16.18 8.62
CA VAL A 80 7.40 17.44 8.46
C VAL A 80 7.31 17.86 7.02
N THR A 81 7.40 19.16 6.76
CA THR A 81 7.40 19.63 5.39
C THR A 81 8.82 19.54 4.84
N MET A 82 8.97 19.80 3.54
CA MET A 82 10.23 19.60 2.83
C MET A 82 11.41 20.26 3.54
N ALA A 83 11.23 21.54 3.87
CA ALA A 83 12.31 22.32 4.48
C ALA A 83 12.90 21.61 5.70
N SER A 84 12.05 21.23 6.63
CA SER A 84 12.48 20.57 7.87
C SER A 84 13.06 19.19 7.56
N TRP A 85 12.42 18.50 6.62
CA TRP A 85 12.84 17.17 6.25
C TRP A 85 14.27 17.19 5.70
N LEU A 86 14.52 18.08 4.76
CA LEU A 86 15.83 18.15 4.12
C LEU A 86 16.94 18.54 5.12
N GLU A 87 16.64 19.47 6.01
CA GLU A 87 17.60 19.82 7.07
C GLU A 87 17.81 18.62 7.99
N GLY A 88 16.75 17.85 8.23
CA GLY A 88 16.85 16.71 9.12
C GLY A 88 17.74 15.62 8.58
N VAL A 89 17.67 15.41 7.28
CA VAL A 89 18.40 14.36 6.62
C VAL A 89 19.88 14.75 6.43
N LEU A 90 20.10 15.93 5.87
CA LEU A 90 21.47 16.43 5.69
C LEU A 90 22.23 16.50 7.02
N THR A 91 21.57 17.07 8.02
CA THR A 91 22.11 17.15 9.37
C THR A 91 22.56 15.80 9.92
N ARG A 92 21.69 14.80 9.81
CA ARG A 92 21.97 13.49 10.36
C ARG A 92 23.10 12.81 9.62
N SER A 93 23.09 12.89 8.30
CA SER A 93 24.11 12.22 7.53
C SER A 93 25.47 12.86 7.77
N ALA A 94 25.51 14.19 7.87
CA ALA A 94 26.77 14.91 8.17
C ALA A 94 27.29 14.52 9.55
N GLY A 95 26.40 14.55 10.54
CA GLY A 95 26.70 14.13 11.89
C GLY A 95 27.27 12.73 11.96
N TRP A 96 26.57 11.76 11.40
CA TRP A 96 27.02 10.37 11.39
C TRP A 96 28.38 10.25 10.73
N TRP A 97 28.55 10.95 9.61
CA TRP A 97 29.78 10.89 8.87
C TRP A 97 30.93 11.44 9.71
N ARG A 98 30.68 12.57 10.36
CA ARG A 98 31.70 13.24 11.15
C ARG A 98 32.17 12.29 12.25
N ASP A 99 31.26 11.41 12.69
CA ASP A 99 31.54 10.49 13.78
C ASP A 99 32.03 9.12 13.32
N GLY A 100 32.40 9.04 12.04
CA GLY A 100 32.96 7.81 11.49
C GLY A 100 31.95 6.67 11.44
N LYS A 101 30.68 7.00 11.24
CA LYS A 101 29.64 5.97 11.21
C LYS A 101 28.96 5.86 9.85
N PHE A 102 29.39 6.71 8.92
CA PHE A 102 28.65 6.83 7.68
C PHE A 102 29.59 6.97 6.49
N GLY A 103 30.62 6.14 6.46
CA GLY A 103 31.51 6.09 5.32
C GLY A 103 31.06 5.11 4.25
N PRO A 104 31.81 5.03 3.15
CA PRO A 104 31.44 4.17 2.02
C PRO A 104 31.24 2.71 2.42
N ASP A 105 31.94 2.22 3.44
CA ASP A 105 31.76 0.82 3.83
C ASP A 105 30.38 0.62 4.45
N VAL A 106 29.87 1.65 5.11
CA VAL A 106 28.51 1.62 5.64
C VAL A 106 27.48 1.74 4.51
N ILE A 107 27.69 2.71 3.62
CA ILE A 107 26.76 2.88 2.49
C ILE A 107 26.71 1.62 1.63
N ARG A 108 27.85 0.94 1.48
CA ARG A 108 27.88 -0.31 0.73
C ARG A 108 26.88 -1.32 1.29
N GLU A 109 26.82 -1.42 2.61
CA GLU A 109 25.95 -2.43 3.23
C GLU A 109 24.51 -1.99 3.28
N VAL A 110 24.28 -0.68 3.40
CA VAL A 110 22.91 -0.15 3.30
C VAL A 110 22.36 -0.39 1.90
N ALA A 111 23.19 -0.12 0.89
CA ALA A 111 22.81 -0.35 -0.49
C ALA A 111 22.53 -1.83 -0.76
N ARG A 112 23.34 -2.72 -0.18
CA ARG A 112 23.14 -4.15 -0.39
C ARG A 112 21.77 -4.58 0.12
N ALA A 113 21.37 -4.04 1.27
CA ALA A 113 20.09 -4.40 1.86
C ALA A 113 18.93 -3.88 1.01
N VAL A 114 18.98 -2.59 0.63
CA VAL A 114 17.90 -2.00 -0.15
C VAL A 114 17.82 -2.62 -1.55
N LEU A 115 18.98 -2.89 -2.15
CA LEU A 115 19.00 -3.54 -3.44
C LEU A 115 18.47 -4.99 -3.37
N LEU A 116 18.72 -5.68 -2.25
CA LEU A 116 18.18 -7.03 -2.11
C LEU A 116 16.66 -6.98 -1.88
N GLU A 117 16.20 -6.05 -1.05
CA GLU A 117 14.77 -5.77 -0.96
C GLU A 117 14.18 -5.53 -2.35
N SER A 118 14.92 -4.78 -3.18
CA SER A 118 14.49 -4.49 -4.53
C SER A 118 14.26 -5.77 -5.34
N LEU A 119 15.26 -6.63 -5.39
CA LEU A 119 15.12 -7.91 -6.09
C LEU A 119 13.92 -8.70 -5.54
N LEU A 120 13.74 -8.68 -4.22
CA LEU A 120 12.68 -9.47 -3.61
C LEU A 120 11.30 -8.89 -3.90
N GLY A 121 11.28 -7.63 -4.32
CA GLY A 121 10.06 -6.97 -4.75
C GLY A 121 9.87 -6.97 -6.25
N GLY A 122 10.64 -7.79 -6.95
CA GLY A 122 10.53 -7.90 -8.39
C GLY A 122 11.25 -6.82 -9.19
N ILE A 123 12.05 -5.99 -8.53
CA ILE A 123 12.79 -4.95 -9.23
C ILE A 123 14.14 -5.45 -9.74
N THR A 124 14.38 -5.32 -11.03
CA THR A 124 15.52 -5.94 -11.65
C THR A 124 16.57 -4.91 -12.11
N THR A 125 16.14 -3.65 -12.22
CA THR A 125 17.05 -2.52 -12.46
C THR A 125 16.78 -1.36 -11.52
N VAL A 126 17.83 -0.77 -10.94
CA VAL A 126 17.65 0.38 -10.07
C VAL A 126 18.53 1.54 -10.50
N ALA A 127 17.97 2.74 -10.58
CA ALA A 127 18.81 3.93 -10.77
C ALA A 127 18.94 4.70 -9.46
N ASP A 128 20.17 4.81 -8.96
CA ASP A 128 20.40 5.49 -7.69
C ASP A 128 21.01 6.86 -7.91
N GLN A 129 20.50 7.86 -7.20
CA GLN A 129 21.08 9.19 -7.25
C GLN A 129 21.77 9.45 -5.91
N HIS A 130 23.08 9.27 -5.85
CA HIS A 130 23.80 9.52 -4.61
C HIS A 130 24.47 10.90 -4.65
N LEU A 131 24.14 11.74 -3.68
CA LEU A 131 24.72 13.10 -3.65
C LEU A 131 25.63 13.39 -2.46
N PHE A 132 25.78 12.42 -1.56
CA PHE A 132 26.49 12.63 -0.30
C PHE A 132 28.00 12.46 -0.48
N PHE A 133 28.70 13.58 -0.64
CA PHE A 133 30.16 13.57 -0.83
C PHE A 133 30.84 14.58 0.09
N PRO A 134 30.77 14.35 1.41
CA PRO A 134 31.36 15.33 2.34
C PRO A 134 32.86 15.24 2.30
N GLY A 135 33.55 16.30 2.70
CA GLY A 135 34.99 16.29 2.76
C GLY A 135 35.65 17.02 1.61
N ALA A 136 36.97 16.86 1.51
CA ALA A 136 37.79 17.59 0.56
C ALA A 136 38.10 16.76 -0.67
N THR A 137 37.62 15.52 -0.68
CA THR A 137 37.71 14.68 -1.86
C THR A 137 36.38 13.94 -2.08
N ALA A 138 36.15 13.50 -3.30
CA ALA A 138 34.95 12.70 -3.59
C ALA A 138 35.22 11.25 -3.23
N ASP A 139 34.71 10.81 -2.09
CA ASP A 139 35.03 9.46 -1.61
C ASP A 139 34.36 8.39 -2.47
N SER A 140 34.52 7.13 -2.09
CA SER A 140 34.14 6.04 -2.96
C SER A 140 32.71 5.58 -2.71
N TYR A 141 31.80 6.51 -2.45
CA TYR A 141 30.39 6.16 -2.24
C TYR A 141 29.76 5.48 -3.45
N ILE A 142 29.97 6.04 -4.63
CA ILE A 142 29.41 5.44 -5.85
C ILE A 142 30.01 4.06 -6.09
N ASP A 143 31.33 3.96 -5.92
CA ASP A 143 32.02 2.67 -6.02
C ASP A 143 31.37 1.66 -5.10
N ALA A 144 30.97 2.10 -3.91
CA ALA A 144 30.38 1.20 -2.92
C ALA A 144 28.98 0.73 -3.33
N THR A 145 28.18 1.62 -3.91
CA THR A 145 26.84 1.20 -4.36
C THR A 145 26.97 0.21 -5.52
N ILE A 146 27.92 0.47 -6.42
CA ILE A 146 28.16 -0.40 -7.56
C ILE A 146 28.64 -1.78 -7.12
N GLU A 147 29.50 -1.82 -6.10
CA GLU A 147 30.01 -3.09 -5.60
C GLU A 147 28.87 -3.95 -5.02
N ALA A 148 27.97 -3.30 -4.28
CA ALA A 148 26.79 -3.98 -3.76
C ALA A 148 25.93 -4.54 -4.90
N ALA A 149 25.68 -3.72 -5.91
CA ALA A 149 24.80 -4.13 -7.00
C ALA A 149 25.42 -5.26 -7.80
N THR A 150 26.74 -5.20 -8.02
CA THR A 150 27.40 -6.23 -8.80
C THR A 150 27.48 -7.55 -8.02
N ASP A 151 27.67 -7.48 -6.71
CA ASP A 151 27.64 -8.68 -5.88
C ASP A 151 26.29 -9.39 -5.97
N LEU A 152 25.22 -8.61 -5.93
CA LEU A 152 23.87 -9.16 -5.95
C LEU A 152 23.45 -9.61 -7.36
N GLY A 153 24.04 -8.98 -8.37
CA GLY A 153 23.68 -9.22 -9.76
C GLY A 153 22.45 -8.43 -10.24
N ILE A 154 22.13 -7.32 -9.56
CA ILE A 154 20.99 -6.50 -9.98
C ILE A 154 21.49 -5.45 -10.96
N ARG A 155 20.68 -5.10 -11.97
CA ARG A 155 21.14 -4.15 -12.98
C ARG A 155 21.12 -2.75 -12.39
N PHE A 156 22.12 -1.93 -12.70
CA PHE A 156 22.35 -0.73 -11.91
C PHE A 156 22.78 0.49 -12.73
N HIS A 157 22.08 1.60 -12.55
CA HIS A 157 22.50 2.88 -13.08
C HIS A 157 22.85 3.80 -11.91
N ALA A 158 24.01 4.43 -11.96
CA ALA A 158 24.42 5.37 -10.91
C ALA A 158 24.46 6.80 -11.46
N ALA A 159 23.52 7.62 -11.03
CA ALA A 159 23.50 9.03 -11.40
C ALA A 159 24.26 9.80 -10.34
N ARG A 160 25.50 10.17 -10.66
CA ARG A 160 26.37 10.86 -9.72
C ARG A 160 25.78 12.24 -9.43
N SER A 161 25.47 12.51 -8.19
CA SER A 161 24.76 13.74 -7.84
C SER A 161 25.65 14.68 -7.01
N SER A 162 25.11 15.84 -6.67
CA SER A 162 25.89 16.84 -5.96
C SER A 162 25.02 18.00 -5.48
N MET A 163 25.65 18.91 -4.75
CA MET A 163 25.03 20.20 -4.46
C MET A 163 26.08 21.29 -4.58
N THR A 164 26.24 21.82 -5.80
CA THR A 164 27.34 22.75 -6.10
C THR A 164 27.01 24.21 -5.80
N LEU A 165 25.77 24.51 -5.47
CA LEU A 165 25.39 25.88 -5.16
C LEU A 165 25.30 26.07 -3.65
N GLY A 166 26.27 26.79 -3.11
CA GLY A 166 26.33 27.00 -1.67
C GLY A 166 25.32 28.00 -1.17
N LYS A 167 24.92 27.84 0.08
CA LYS A 167 23.99 28.75 0.74
C LYS A 167 24.53 30.18 0.71
N SER A 168 25.84 30.32 0.55
CA SER A 168 26.48 31.63 0.48
C SER A 168 26.04 32.39 -0.76
N GLU A 169 25.52 31.67 -1.75
CA GLU A 169 25.06 32.31 -2.99
C GLU A 169 23.70 31.80 -3.47
N GLY A 170 22.79 31.58 -2.54
CA GLY A 170 21.41 31.29 -2.89
C GLY A 170 20.98 29.87 -2.61
N GLY A 171 21.95 28.96 -2.53
CA GLY A 171 21.64 27.55 -2.30
C GLY A 171 21.01 27.30 -0.95
N PHE A 172 19.97 26.48 -0.93
CA PHE A 172 19.40 26.03 0.33
C PHE A 172 20.18 24.80 0.79
N CYS A 173 21.40 25.04 1.25
CA CYS A 173 22.32 23.96 1.63
C CYS A 173 23.64 24.46 2.19
N ASP A 174 24.11 23.77 3.23
CA ASP A 174 25.36 24.10 3.89
C ASP A 174 26.56 23.75 3.02
N ASP A 175 27.62 24.54 3.12
CA ASP A 175 28.79 24.37 2.26
C ASP A 175 29.64 23.14 2.64
N LEU A 176 29.19 22.41 3.65
CA LEU A 176 29.81 21.13 3.99
C LEU A 176 29.63 20.16 2.82
N PHE A 177 28.47 20.26 2.16
CA PHE A 177 28.10 19.34 1.09
C PHE A 177 28.47 19.87 -0.29
N VAL A 178 28.90 21.13 -0.34
CA VAL A 178 29.15 21.78 -1.62
C VAL A 178 30.54 21.41 -2.16
N GLU A 179 30.56 20.96 -3.41
CA GLU A 179 31.82 20.64 -4.09
C GLU A 179 32.06 21.66 -5.19
N PRO A 180 33.35 21.91 -5.53
CA PRO A 180 33.63 22.73 -6.71
C PRO A 180 33.03 22.03 -7.93
N VAL A 181 32.51 22.77 -8.88
CA VAL A 181 31.94 22.19 -10.08
C VAL A 181 32.96 21.26 -10.74
N ASP A 182 34.21 21.74 -10.80
CA ASP A 182 35.27 20.98 -11.45
C ASP A 182 35.56 19.64 -10.77
N ARG A 183 35.45 19.57 -9.44
CA ARG A 183 35.62 18.28 -8.78
C ARG A 183 34.55 17.26 -9.22
N VAL A 184 33.31 17.71 -9.34
CA VAL A 184 32.20 16.81 -9.70
C VAL A 184 32.42 16.29 -11.13
N VAL A 185 32.75 17.22 -12.01
CA VAL A 185 32.98 16.90 -13.42
C VAL A 185 34.12 15.89 -13.60
N GLN A 186 35.23 16.15 -12.92
CA GLN A 186 36.37 15.24 -12.94
C GLN A 186 36.01 13.85 -12.38
N HIS A 187 35.25 13.83 -11.31
CA HIS A 187 34.87 12.55 -10.72
C HIS A 187 34.01 11.75 -11.70
N CYS A 188 33.09 12.44 -12.37
CA CYS A 188 32.17 11.77 -13.28
C CYS A 188 32.92 11.16 -14.45
N LEU A 189 33.91 11.88 -14.97
CA LEU A 189 34.75 11.34 -16.04
C LEU A 189 35.38 10.01 -15.64
N GLY A 190 36.00 9.96 -14.46
CA GLY A 190 36.60 8.74 -13.97
C GLY A 190 35.60 7.62 -13.76
N LEU A 191 34.40 7.97 -13.29
CA LEU A 191 33.36 6.95 -13.07
C LEU A 191 32.97 6.32 -14.40
N ILE A 192 32.78 7.17 -15.42
CA ILE A 192 32.44 6.67 -16.74
C ILE A 192 33.53 5.72 -17.27
N ASP A 193 34.78 6.20 -17.30
CA ASP A 193 35.89 5.37 -17.77
C ASP A 193 35.94 4.03 -17.05
N GLN A 194 35.70 4.06 -15.75
CA GLN A 194 35.90 2.88 -14.92
C GLN A 194 34.73 1.88 -14.97
N TYR A 195 33.51 2.40 -14.92
CA TYR A 195 32.33 1.55 -14.65
C TYR A 195 31.32 1.35 -15.78
N HIS A 196 31.21 2.35 -16.65
CA HIS A 196 30.13 2.38 -17.65
C HIS A 196 30.20 1.26 -18.67
N GLU A 197 29.09 0.55 -18.85
CA GLU A 197 29.00 -0.55 -19.82
C GLU A 197 27.95 -0.19 -20.87
N PRO A 198 28.38 0.44 -21.98
CA PRO A 198 27.47 1.03 -22.97
C PRO A 198 26.86 0.01 -23.94
N GLU A 199 27.36 -1.21 -23.91
CA GLU A 199 26.91 -2.25 -24.82
C GLU A 199 25.53 -2.78 -24.41
N PRO A 200 24.78 -3.35 -25.36
CA PRO A 200 23.48 -3.94 -25.00
C PRO A 200 23.65 -4.93 -23.86
N PHE A 201 22.69 -4.93 -22.94
CA PHE A 201 22.70 -5.80 -21.77
C PHE A 201 23.74 -5.39 -20.74
N GLY A 202 24.28 -4.20 -20.89
CA GLY A 202 25.23 -3.65 -19.92
C GLY A 202 24.63 -3.67 -18.53
N MET A 203 25.43 -4.05 -17.54
CA MET A 203 24.91 -4.27 -16.19
C MET A 203 25.14 -3.10 -15.24
N VAL A 204 26.02 -2.19 -15.64
CA VAL A 204 26.32 -0.98 -14.88
C VAL A 204 26.44 0.20 -15.83
N ARG A 205 25.73 1.29 -15.54
CA ARG A 205 25.89 2.50 -16.34
C ARG A 205 25.92 3.75 -15.48
N ILE A 206 26.61 4.77 -15.97
CA ILE A 206 26.74 6.01 -15.26
C ILE A 206 25.84 7.05 -15.88
N ALA A 207 25.13 7.78 -15.05
CA ALA A 207 24.39 8.95 -15.49
C ALA A 207 24.89 10.15 -14.70
N LEU A 208 24.57 11.34 -15.18
CA LEU A 208 25.04 12.57 -14.58
C LEU A 208 23.85 13.24 -13.94
N GLY A 209 23.88 13.41 -12.62
CA GLY A 209 22.66 13.75 -11.93
C GLY A 209 22.67 14.86 -10.89
N PRO A 210 22.76 16.12 -11.33
CA PRO A 210 22.68 17.26 -10.41
C PRO A 210 21.44 17.13 -9.53
N CYS A 211 21.54 17.57 -8.28
CA CYS A 211 20.41 17.50 -7.38
C CYS A 211 19.20 18.28 -7.90
N GLY A 212 19.45 19.42 -8.53
CA GLY A 212 18.36 20.18 -9.12
C GLY A 212 18.71 21.64 -9.30
N VAL A 213 17.84 22.36 -10.00
CA VAL A 213 18.06 23.78 -10.28
C VAL A 213 18.34 24.62 -9.02
N PRO A 214 17.57 24.38 -7.94
CA PRO A 214 17.85 25.18 -6.74
C PRO A 214 19.16 24.82 -6.03
N TYR A 215 19.89 23.80 -6.50
CA TYR A 215 20.97 23.24 -5.69
C TYR A 215 22.32 23.18 -6.40
N ASP A 216 22.33 23.41 -7.70
CA ASP A 216 23.54 23.31 -8.49
C ASP A 216 23.70 24.49 -9.43
N LYS A 217 24.95 24.77 -9.78
CA LYS A 217 25.31 25.89 -10.64
C LYS A 217 24.99 25.60 -12.10
N PRO A 218 24.60 26.63 -12.85
CA PRO A 218 24.31 26.52 -14.28
C PRO A 218 25.50 25.91 -15.03
N GLU A 219 26.72 26.16 -14.54
CA GLU A 219 27.92 25.61 -15.17
C GLU A 219 28.02 24.08 -15.10
N LEU A 220 27.58 23.49 -13.99
CA LEU A 220 27.51 22.04 -13.89
C LEU A 220 26.53 21.49 -14.93
N PHE A 221 25.37 22.11 -15.02
CA PHE A 221 24.36 21.67 -15.98
C PHE A 221 24.92 21.70 -17.40
N GLU A 222 25.57 22.81 -17.77
CA GLU A 222 26.19 22.89 -19.08
C GLU A 222 27.34 21.90 -19.26
N ALA A 223 28.15 21.70 -18.22
CA ALA A 223 29.25 20.75 -18.32
C ALA A 223 28.72 19.35 -18.60
N PHE A 224 27.69 18.95 -17.85
CA PHE A 224 27.08 17.64 -18.04
C PHE A 224 26.47 17.46 -19.42
N ALA A 225 25.83 18.51 -19.94
CA ALA A 225 25.27 18.45 -21.29
C ALA A 225 26.36 18.09 -22.31
N GLN A 226 27.54 18.67 -22.15
CA GLN A 226 28.63 18.38 -23.06
C GLN A 226 29.13 16.96 -22.85
N MET A 227 29.33 16.60 -21.58
CA MET A 227 29.83 15.27 -21.24
C MET A 227 28.89 14.17 -21.72
N ALA A 228 27.58 14.41 -21.63
CA ALA A 228 26.60 13.41 -22.07
C ALA A 228 26.64 13.23 -23.58
N ALA A 229 26.85 14.33 -24.31
CA ALA A 229 27.03 14.26 -25.76
C ALA A 229 28.32 13.52 -26.10
N ASP A 230 29.41 13.88 -25.43
CA ASP A 230 30.72 13.30 -25.72
C ASP A 230 30.85 11.83 -25.35
N TYR A 231 30.12 11.41 -24.31
CA TYR A 231 30.27 10.04 -23.82
C TYR A 231 29.01 9.21 -24.01
N ASP A 232 27.99 9.83 -24.59
CA ASP A 232 26.71 9.17 -24.82
C ASP A 232 26.19 8.52 -23.56
N VAL A 233 26.02 9.32 -22.51
CA VAL A 233 25.38 8.89 -21.29
C VAL A 233 24.16 9.77 -21.06
N ARG A 234 23.39 9.46 -20.02
CA ARG A 234 22.15 10.19 -19.77
C ARG A 234 22.22 11.21 -18.63
N LEU A 235 21.22 12.07 -18.58
CA LEU A 235 21.14 13.20 -17.67
C LEU A 235 19.91 13.06 -16.78
N HIS A 236 20.04 13.31 -15.48
CA HIS A 236 18.93 13.11 -14.56
C HIS A 236 18.90 14.19 -13.48
N THR A 237 17.73 14.76 -13.20
CA THR A 237 17.64 15.72 -12.10
C THR A 237 16.24 15.78 -11.52
N HIS A 238 16.10 16.41 -10.35
CA HIS A 238 14.77 16.65 -9.76
C HIS A 238 14.07 17.77 -10.53
N PHE A 239 12.74 17.73 -10.57
CA PHE A 239 12.02 18.60 -11.48
C PHE A 239 10.65 19.02 -10.93
N TYR A 240 10.46 20.33 -10.85
CA TYR A 240 9.19 20.90 -10.38
C TYR A 240 8.63 20.26 -9.11
N GLN A 241 9.46 20.19 -8.07
CA GLN A 241 8.94 20.01 -6.74
C GLN A 241 8.35 21.39 -6.39
N PRO A 242 7.38 21.43 -5.46
CA PRO A 242 6.80 22.75 -5.19
C PRO A 242 7.90 23.63 -4.61
N LEU A 243 7.82 24.94 -4.80
CA LEU A 243 8.87 25.86 -4.33
C LEU A 243 10.06 26.00 -5.28
N ASP A 244 10.27 25.02 -6.16
CA ASP A 244 11.34 25.13 -7.12
C ASP A 244 11.18 26.39 -7.99
N ALA A 245 9.96 26.63 -8.47
CA ALA A 245 9.69 27.78 -9.32
C ALA A 245 10.04 29.08 -8.62
N GLY A 246 9.75 29.16 -7.33
CA GLY A 246 10.11 30.32 -6.54
C GLY A 246 11.62 30.54 -6.47
N MET A 247 12.36 29.48 -6.16
CA MET A 247 13.81 29.58 -6.01
C MET A 247 14.48 29.87 -7.35
N SER A 248 13.96 29.24 -8.40
CA SER A 248 14.47 29.42 -9.74
C SER A 248 14.27 30.86 -10.19
N ASP A 249 13.11 31.43 -9.83
CA ASP A 249 12.81 32.80 -10.21
C ASP A 249 13.72 33.75 -9.45
N HIS A 250 13.88 33.49 -8.17
CA HIS A 250 14.75 34.30 -7.32
C HIS A 250 16.20 34.35 -7.83
N LEU A 251 16.76 33.19 -8.12
CA LEU A 251 18.16 33.09 -8.54
C LEU A 251 18.38 33.51 -9.98
N TYR A 252 17.47 33.09 -10.87
CA TYR A 252 17.74 33.25 -12.28
C TYR A 252 16.67 34.03 -13.03
N GLY A 253 15.56 34.31 -12.36
CA GLY A 253 14.45 34.99 -13.04
C GLY A 253 13.86 34.18 -14.19
N MET A 254 13.87 32.86 -14.06
CA MET A 254 13.20 32.02 -15.05
C MET A 254 12.62 30.77 -14.37
N THR A 255 11.75 30.07 -15.08
CA THR A 255 11.18 28.83 -14.58
C THR A 255 12.25 27.75 -14.59
N PRO A 256 12.06 26.69 -13.79
CA PRO A 256 13.01 25.57 -13.82
C PRO A 256 13.17 24.99 -15.21
N TRP A 257 12.09 24.91 -15.99
CA TRP A 257 12.17 24.40 -17.37
C TRP A 257 12.92 25.31 -18.35
N ARG A 258 12.70 26.62 -18.27
CA ARG A 258 13.46 27.57 -19.10
C ARG A 258 14.95 27.48 -18.76
N PHE A 259 15.25 27.33 -17.48
CA PHE A 259 16.63 27.16 -17.02
C PHE A 259 17.25 25.94 -17.67
N LEU A 260 16.54 24.81 -17.62
CA LEU A 260 17.05 23.57 -18.20
C LEU A 260 17.27 23.75 -19.69
N GLU A 261 16.29 24.35 -20.35
CA GLU A 261 16.36 24.62 -21.78
C GLU A 261 17.61 25.42 -22.09
N LYS A 262 17.83 26.48 -21.32
CA LYS A 262 18.92 27.41 -21.57
C LYS A 262 20.26 26.71 -21.42
N HIS A 263 20.35 25.78 -20.48
CA HIS A 263 21.63 25.15 -20.17
C HIS A 263 21.78 23.73 -20.72
N GLY A 264 21.09 23.45 -21.81
CA GLY A 264 21.35 22.25 -22.63
C GLY A 264 20.57 21.00 -22.26
N TRP A 265 19.64 21.13 -21.32
CA TRP A 265 18.95 19.95 -20.78
C TRP A 265 17.59 19.66 -21.40
N ALA A 266 17.17 20.45 -22.38
CA ALA A 266 15.92 20.15 -23.09
C ALA A 266 16.15 19.19 -24.26
N SER A 267 16.34 17.91 -23.93
CA SER A 267 16.69 16.91 -24.94
C SER A 267 16.26 15.52 -24.53
N ASP A 268 16.35 14.59 -25.49
CA ASP A 268 15.94 13.21 -25.27
C ASP A 268 16.96 12.41 -24.46
N ARG A 269 17.98 13.09 -23.93
CA ARG A 269 18.98 12.43 -23.09
C ARG A 269 18.55 12.49 -21.63
N VAL A 270 17.45 13.17 -21.37
CA VAL A 270 17.09 13.58 -20.02
C VAL A 270 15.91 12.83 -19.39
N TRP A 271 16.05 12.48 -18.11
CA TRP A 271 14.89 12.07 -17.36
C TRP A 271 14.73 12.79 -16.02
N LEU A 272 13.49 13.13 -15.69
CA LEU A 272 13.22 14.13 -14.66
C LEU A 272 12.37 13.55 -13.53
N ALA A 273 12.83 13.68 -12.30
CA ALA A 273 12.14 13.08 -11.16
C ALA A 273 11.02 13.95 -10.60
N HIS A 274 9.86 13.33 -10.31
CA HIS A 274 8.70 13.99 -9.70
C HIS A 274 7.82 14.73 -10.70
N ALA A 275 8.29 15.91 -11.14
CA ALA A 275 7.51 16.79 -12.01
C ALA A 275 6.12 17.03 -11.45
N VAL A 276 6.04 17.46 -10.19
CA VAL A 276 4.74 17.54 -9.54
C VAL A 276 3.89 18.71 -10.04
N VAL A 277 4.50 19.89 -10.14
CA VAL A 277 3.74 21.11 -10.38
C VAL A 277 4.26 22.01 -11.50
N PRO A 278 4.38 21.48 -12.72
CA PRO A 278 4.83 22.33 -13.82
C PRO A 278 3.72 23.25 -14.30
N PRO A 279 4.08 24.40 -14.91
CA PRO A 279 3.06 25.20 -15.58
C PRO A 279 2.50 24.40 -16.75
N ARG A 280 1.18 24.34 -16.88
CA ARG A 280 0.55 23.52 -17.92
C ARG A 280 1.00 23.89 -19.32
N GLU A 281 1.27 25.16 -19.53
CA GLU A 281 1.74 25.63 -20.83
C GLU A 281 3.06 24.97 -21.23
N GLU A 282 3.85 24.51 -20.27
CA GLU A 282 5.16 23.94 -20.58
C GLU A 282 5.12 22.48 -21.02
N ILE A 283 4.05 21.78 -20.66
CA ILE A 283 3.99 20.35 -20.93
C ILE A 283 4.20 19.98 -22.41
N PRO A 284 3.57 20.72 -23.34
CA PRO A 284 3.82 20.44 -24.75
C PRO A 284 5.30 20.59 -25.11
N GLU A 285 5.97 21.53 -24.45
CA GLU A 285 7.40 21.72 -24.66
C GLU A 285 8.21 20.51 -24.17
N PHE A 286 7.84 19.96 -23.01
CA PHE A 286 8.48 18.73 -22.55
C PHE A 286 8.41 17.68 -23.66
N ALA A 287 7.22 17.54 -24.26
CA ALA A 287 6.98 16.52 -25.28
C ALA A 287 7.83 16.73 -26.52
N ASP A 288 7.87 17.99 -27.01
CA ASP A 288 8.68 18.31 -28.19
C ASP A 288 10.14 18.04 -27.94
N ALA A 289 10.60 18.33 -26.72
CA ALA A 289 12.00 18.15 -26.37
C ALA A 289 12.34 16.67 -26.20
N GLY A 290 11.37 15.88 -25.75
CA GLY A 290 11.57 14.45 -25.66
C GLY A 290 12.20 14.00 -24.36
N VAL A 291 12.08 14.83 -23.33
CA VAL A 291 12.49 14.44 -21.99
C VAL A 291 11.51 13.41 -21.42
N ALA A 292 12.01 12.54 -20.55
CA ALA A 292 11.20 11.56 -19.86
C ALA A 292 10.91 12.03 -18.44
N ILE A 293 9.80 11.55 -17.87
CA ILE A 293 9.42 11.91 -16.51
C ILE A 293 9.23 10.68 -15.62
N ALA A 294 9.84 10.71 -14.44
CA ALA A 294 9.65 9.64 -13.44
C ALA A 294 8.59 10.02 -12.41
N HIS A 295 7.49 9.26 -12.37
CA HIS A 295 6.44 9.49 -11.39
C HIS A 295 6.82 8.85 -10.06
N LEU A 296 6.82 9.66 -8.99
CA LEU A 296 7.20 9.19 -7.66
C LEU A 296 6.07 9.50 -6.67
N ILE A 297 5.01 8.68 -6.70
CA ILE A 297 3.79 8.99 -5.97
C ILE A 297 3.98 9.04 -4.46
N ALA A 298 4.76 8.11 -3.91
CA ALA A 298 4.91 8.03 -2.46
C ALA A 298 5.51 9.28 -1.79
N PRO A 299 6.65 9.77 -2.30
CA PRO A 299 7.24 11.01 -1.78
C PRO A 299 6.29 12.20 -1.95
N ASP A 300 5.65 12.28 -3.12
CA ASP A 300 4.78 13.40 -3.44
C ASP A 300 3.66 13.51 -2.41
N LEU A 301 3.07 12.38 -2.04
CA LEU A 301 2.07 12.35 -1.00
C LEU A 301 2.67 12.66 0.35
N ARG A 302 3.81 12.01 0.65
CA ARG A 302 4.40 12.06 1.98
C ARG A 302 4.82 13.48 2.36
N MET A 303 5.20 14.28 1.36
CA MET A 303 5.64 15.65 1.58
C MET A 303 4.49 16.65 1.57
N GLY A 304 3.28 16.16 1.28
CA GLY A 304 2.11 17.03 1.18
C GLY A 304 1.94 17.68 -0.17
N TRP A 305 2.66 17.20 -1.18
CA TRP A 305 2.72 17.87 -2.48
C TRP A 305 1.52 17.61 -3.39
N GLY A 306 1.02 16.38 -3.39
CA GLY A 306 -0.15 16.05 -4.18
C GLY A 306 0.15 15.27 -5.44
N LEU A 307 -0.65 15.51 -6.47
CA LEU A 307 -0.66 14.67 -7.66
C LEU A 307 0.02 15.28 -8.90
N ALA A 308 1.11 14.66 -9.33
CA ALA A 308 1.72 15.00 -10.61
C ALA A 308 0.68 14.79 -11.72
N PRO A 309 0.64 15.69 -12.72
CA PRO A 309 -0.33 15.57 -13.82
C PRO A 309 0.03 14.46 -14.81
N ILE A 310 0.02 13.22 -14.35
CA ILE A 310 0.43 12.08 -15.17
C ILE A 310 -0.43 11.84 -16.42
N ARG A 311 -1.75 11.90 -16.27
CA ARG A 311 -2.63 11.72 -17.43
C ARG A 311 -2.24 12.73 -18.50
N GLU A 312 -1.98 13.95 -18.06
CA GLU A 312 -1.58 15.02 -18.99
C GLU A 312 -0.30 14.67 -19.74
N TYR A 313 0.67 14.06 -19.05
CA TYR A 313 1.92 13.70 -19.72
C TYR A 313 1.68 12.59 -20.72
N LEU A 314 0.87 11.60 -20.33
CA LEU A 314 0.53 10.50 -21.21
C LEU A 314 -0.21 11.02 -22.45
N ASP A 315 -1.21 11.88 -22.23
CA ASP A 315 -1.95 12.49 -23.33
C ASP A 315 -1.00 13.24 -24.27
N ALA A 316 0.09 13.78 -23.70
CA ALA A 316 1.02 14.58 -24.50
C ALA A 316 2.06 13.72 -25.20
N GLY A 317 2.06 12.41 -24.92
CA GLY A 317 3.04 11.51 -25.51
C GLY A 317 4.40 11.55 -24.84
N ILE A 318 4.49 12.15 -23.66
CA ILE A 318 5.72 12.16 -22.87
C ILE A 318 5.99 10.79 -22.22
N THR A 319 7.25 10.36 -22.24
CA THR A 319 7.64 9.11 -21.60
C THR A 319 7.49 9.23 -20.10
N VAL A 320 6.70 8.34 -19.51
CA VAL A 320 6.49 8.31 -18.08
C VAL A 320 6.90 6.98 -17.46
N GLY A 321 7.84 7.04 -16.52
CA GLY A 321 8.26 5.90 -15.73
C GLY A 321 7.88 6.07 -14.26
N PHE A 322 8.45 5.21 -13.41
CA PHE A 322 8.02 5.18 -12.02
C PHE A 322 9.20 4.90 -11.11
N GLY A 323 9.15 5.41 -9.88
CA GLY A 323 10.19 5.11 -8.91
C GLY A 323 9.70 5.31 -7.48
N THR A 324 10.56 4.97 -6.51
CA THR A 324 10.18 5.04 -5.10
C THR A 324 10.77 6.23 -4.34
N THR A 325 11.77 6.89 -4.93
CA THR A 325 12.70 7.78 -4.21
C THR A 325 13.34 7.02 -3.04
N GLY A 326 14.15 7.73 -2.27
CA GLY A 326 14.84 7.13 -1.14
C GLY A 326 13.96 6.73 0.03
N SER A 327 14.50 5.86 0.87
CA SER A 327 13.75 5.31 2.00
C SER A 327 13.58 6.26 3.18
N ALA A 328 14.12 7.48 3.07
CA ALA A 328 13.88 8.49 4.09
C ALA A 328 12.60 9.25 3.79
N SER A 329 12.07 9.05 2.59
CA SER A 329 10.85 9.71 2.16
C SER A 329 9.93 8.73 1.43
N ASN A 330 9.69 7.58 2.04
CA ASN A 330 8.83 6.58 1.40
C ASN A 330 7.97 5.74 2.36
N ASP A 331 8.55 5.00 3.30
CA ASP A 331 9.99 4.84 3.51
C ASP A 331 10.46 3.44 3.14
N GLY A 332 9.92 2.90 2.06
CA GLY A 332 10.34 1.59 1.60
C GLY A 332 10.85 1.60 0.17
N GLY A 333 11.31 0.45 -0.29
CA GLY A 333 11.79 0.33 -1.65
C GLY A 333 10.83 -0.50 -2.47
N ASN A 334 9.57 -0.56 -2.01
CA ASN A 334 8.53 -1.40 -2.62
C ASN A 334 7.79 -0.72 -3.76
N LEU A 335 8.33 -0.85 -4.96
CA LEU A 335 7.77 -0.21 -6.15
C LEU A 335 6.36 -0.75 -6.48
N LEU A 336 6.19 -2.05 -6.38
CA LEU A 336 4.89 -2.63 -6.70
C LEU A 336 3.84 -2.03 -5.76
N GLY A 337 4.15 -1.97 -4.48
CA GLY A 337 3.22 -1.40 -3.51
C GLY A 337 2.84 0.04 -3.80
N ASP A 338 3.79 0.82 -4.30
CA ASP A 338 3.53 2.23 -4.54
C ASP A 338 2.60 2.43 -5.72
N LEU A 339 2.63 1.49 -6.66
CA LEU A 339 1.69 1.49 -7.78
C LEU A 339 0.24 1.53 -7.32
N ARG A 340 -0.08 0.83 -6.24
CA ARG A 340 -1.44 0.85 -5.69
C ARG A 340 -1.74 2.23 -5.12
N LEU A 341 -0.73 2.88 -4.54
CA LEU A 341 -0.91 4.25 -4.09
C LEU A 341 -1.34 5.14 -5.23
N ALA A 342 -0.70 4.97 -6.38
CA ALA A 342 -0.96 5.82 -7.54
C ALA A 342 -2.32 5.48 -8.16
N ALA A 343 -2.62 4.19 -8.19
CA ALA A 343 -3.90 3.73 -8.75
C ALA A 343 -5.08 4.35 -8.02
N LEU A 344 -4.95 4.52 -6.71
CA LEU A 344 -6.04 5.05 -5.91
C LEU A 344 -5.98 6.56 -5.73
N ALA A 345 -4.77 7.07 -5.46
CA ALA A 345 -4.61 8.46 -5.06
C ALA A 345 -5.01 9.46 -6.15
N HIS A 346 -4.81 9.09 -7.41
CA HIS A 346 -5.12 10.01 -8.49
C HIS A 346 -6.63 10.22 -8.71
N ARG A 347 -7.43 9.28 -8.24
CA ARG A 347 -8.86 9.26 -8.56
C ARG A 347 -9.67 10.47 -8.09
N PRO A 348 -9.50 10.87 -6.82
CA PRO A 348 -10.24 12.04 -6.32
C PRO A 348 -10.00 13.33 -7.10
N ALA A 349 -8.90 13.45 -7.85
CA ALA A 349 -8.65 14.67 -8.63
C ALA A 349 -9.62 14.79 -9.80
N ASP A 350 -10.19 13.66 -10.23
CA ASP A 350 -11.16 13.64 -11.32
C ASP A 350 -12.38 12.78 -10.96
N PRO A 351 -13.14 13.24 -9.96
CA PRO A 351 -14.25 12.49 -9.35
C PRO A 351 -15.23 11.98 -10.39
N ASN A 352 -15.40 12.72 -11.48
CA ASN A 352 -16.45 12.40 -12.44
C ASN A 352 -15.99 11.91 -13.81
N GLU A 353 -14.70 11.57 -13.91
CA GLU A 353 -14.11 11.17 -15.18
C GLU A 353 -13.15 10.01 -15.02
N PRO A 354 -13.68 8.85 -14.64
CA PRO A 354 -12.92 7.62 -14.41
C PRO A 354 -11.98 7.29 -15.57
N GLU A 355 -12.30 7.77 -16.77
CA GLU A 355 -11.42 7.48 -17.92
C GLU A 355 -10.06 8.16 -17.79
N LYS A 356 -9.98 9.14 -16.89
CA LYS A 356 -8.73 9.85 -16.68
C LYS A 356 -7.85 9.14 -15.67
N TRP A 357 -8.46 8.42 -14.75
CA TRP A 357 -7.74 7.66 -13.74
C TRP A 357 -6.72 6.71 -14.38
N LEU A 358 -5.58 6.52 -13.74
CA LEU A 358 -4.56 5.64 -14.30
C LEU A 358 -4.95 4.18 -14.05
N SER A 359 -4.82 3.34 -15.07
CA SER A 359 -5.21 1.95 -14.94
C SER A 359 -4.05 1.12 -14.43
N ALA A 360 -4.35 -0.11 -14.00
CA ALA A 360 -3.34 -1.04 -13.53
C ALA A 360 -2.32 -1.30 -14.62
N ARG A 361 -2.78 -1.51 -15.84
CA ARG A 361 -1.87 -1.79 -16.94
C ARG A 361 -1.00 -0.57 -17.29
N GLU A 362 -1.58 0.63 -17.23
CA GLU A 362 -0.80 1.84 -17.46
C GLU A 362 0.28 1.98 -16.41
N LEU A 363 -0.06 1.67 -15.17
CA LEU A 363 0.89 1.78 -14.07
C LEU A 363 1.99 0.74 -14.18
N LEU A 364 1.62 -0.50 -14.46
CA LEU A 364 2.60 -1.56 -14.66
C LEU A 364 3.52 -1.25 -15.83
N ARG A 365 2.97 -0.61 -16.85
CA ARG A 365 3.75 -0.19 -18.00
C ARG A 365 4.79 0.86 -17.58
N MET A 366 4.38 1.80 -16.74
CA MET A 366 5.30 2.80 -16.21
C MET A 366 6.45 2.17 -15.45
N ALA A 367 6.12 1.17 -14.65
CA ALA A 367 7.11 0.55 -13.77
C ALA A 367 8.04 -0.37 -14.55
N THR A 368 7.76 -0.59 -15.83
CA THR A 368 8.57 -1.47 -16.65
C THR A 368 9.12 -0.76 -17.89
N ARG A 369 8.32 -0.74 -18.96
CA ARG A 369 8.73 -0.15 -20.22
C ARG A 369 8.97 1.36 -20.07
N GLY A 370 8.17 2.00 -19.25
CA GLY A 370 8.29 3.44 -19.04
C GLY A 370 9.59 3.82 -18.35
N SER A 371 9.94 3.09 -17.31
CA SER A 371 11.20 3.30 -16.62
C SER A 371 12.40 2.97 -17.53
N ALA A 372 12.31 1.88 -18.28
CA ALA A 372 13.35 1.51 -19.25
C ALA A 372 13.65 2.69 -20.17
N GLU A 373 12.58 3.32 -20.67
CA GLU A 373 12.74 4.47 -21.56
C GLU A 373 13.30 5.70 -20.85
N CYS A 374 12.94 5.92 -19.59
CA CYS A 374 13.59 6.96 -18.81
C CYS A 374 15.11 6.75 -18.80
N LEU A 375 15.51 5.50 -18.61
CA LEU A 375 16.91 5.18 -18.41
C LEU A 375 17.64 4.99 -19.73
N GLY A 376 16.88 5.17 -20.82
CA GLY A 376 17.40 4.98 -22.16
C GLY A 376 17.78 3.54 -22.47
N ARG A 377 16.99 2.58 -22.00
CA ARG A 377 17.30 1.15 -22.19
C ARG A 377 16.29 0.47 -23.11
N PRO A 378 16.56 0.44 -24.42
CA PRO A 378 15.67 -0.25 -25.36
C PRO A 378 15.75 -1.77 -25.18
N ASP A 379 16.71 -2.23 -24.39
CA ASP A 379 16.92 -3.65 -24.15
C ASP A 379 16.17 -4.19 -22.94
N LEU A 380 15.42 -3.33 -22.26
CA LEU A 380 14.75 -3.71 -21.03
C LEU A 380 13.27 -3.35 -21.08
N GLY A 381 12.51 -3.83 -20.09
CA GLY A 381 11.15 -3.36 -19.85
C GLY A 381 10.07 -4.02 -20.70
N VAL A 382 10.48 -4.94 -21.56
CA VAL A 382 9.55 -5.61 -22.48
C VAL A 382 9.89 -7.09 -22.57
N LEU A 383 8.90 -7.95 -22.41
CA LEU A 383 9.11 -9.38 -22.58
C LEU A 383 8.98 -9.80 -24.05
N GLU A 384 10.08 -9.72 -24.79
CA GLU A 384 10.04 -10.15 -26.20
C GLU A 384 11.39 -10.61 -26.68
N GLU A 385 11.40 -11.31 -27.80
CA GLU A 385 12.64 -11.81 -28.39
C GLU A 385 13.69 -10.70 -28.55
N GLY A 386 14.89 -10.92 -28.04
CA GLY A 386 15.99 -10.00 -28.26
C GLY A 386 16.22 -8.98 -27.16
N ARG A 387 15.27 -8.86 -26.25
CA ARG A 387 15.44 -8.00 -25.08
C ARG A 387 16.11 -8.82 -23.97
N ALA A 388 16.51 -8.12 -22.92
CA ALA A 388 17.22 -8.74 -21.80
C ALA A 388 16.30 -9.67 -21.01
N ALA A 389 16.84 -10.79 -20.56
CA ALA A 389 16.07 -11.72 -19.75
C ALA A 389 15.97 -11.17 -18.34
N ASP A 390 15.22 -10.07 -18.21
CA ASP A 390 14.94 -9.48 -16.92
C ASP A 390 13.46 -9.70 -16.67
N ILE A 391 13.14 -10.56 -15.69
CA ILE A 391 11.79 -11.09 -15.53
C ILE A 391 11.39 -11.18 -14.07
N ALA A 392 10.16 -10.75 -13.77
CA ALA A 392 9.66 -10.83 -12.41
C ALA A 392 8.32 -11.55 -12.42
N CYS A 393 8.16 -12.54 -11.54
CA CYS A 393 6.95 -13.35 -11.48
C CYS A 393 6.38 -13.39 -10.07
N TRP A 394 5.07 -13.27 -9.96
CA TRP A 394 4.34 -13.36 -8.71
C TRP A 394 3.36 -14.53 -8.75
N ARG A 395 3.17 -15.19 -7.62
CA ARG A 395 2.19 -16.27 -7.54
C ARG A 395 0.76 -15.72 -7.46
N LEU A 396 -0.18 -16.41 -8.10
CA LEU A 396 -1.57 -15.95 -8.15
C LEU A 396 -2.51 -16.84 -7.33
N ASP A 397 -1.97 -17.90 -6.74
CA ASP A 397 -2.79 -18.92 -6.10
C ASP A 397 -2.75 -18.85 -4.58
N GLY A 398 -2.50 -17.67 -4.04
CA GLY A 398 -2.50 -17.48 -2.60
C GLY A 398 -3.92 -17.17 -2.16
N VAL A 399 -4.22 -17.38 -0.88
CA VAL A 399 -5.59 -17.20 -0.41
C VAL A 399 -6.01 -15.73 -0.48
N ASP A 400 -5.03 -14.82 -0.44
CA ASP A 400 -5.33 -13.40 -0.53
C ASP A 400 -5.65 -12.92 -1.94
N ARG A 401 -5.64 -13.82 -2.91
CA ARG A 401 -5.96 -13.44 -4.28
C ARG A 401 -7.04 -14.33 -4.89
N VAL A 402 -7.79 -15.04 -4.05
CA VAL A 402 -8.92 -15.81 -4.53
C VAL A 402 -9.99 -14.80 -4.94
N GLY A 403 -10.69 -15.09 -6.04
CA GLY A 403 -11.73 -14.21 -6.51
C GLY A 403 -11.25 -13.15 -7.49
N VAL A 404 -9.94 -13.11 -7.72
CA VAL A 404 -9.37 -12.18 -8.68
C VAL A 404 -9.75 -12.59 -10.10
N HIS A 405 -10.33 -11.65 -10.86
CA HIS A 405 -10.79 -11.94 -12.22
C HIS A 405 -9.78 -11.55 -13.29
N ASP A 406 -8.98 -10.53 -13.02
CA ASP A 406 -7.92 -10.13 -13.94
C ASP A 406 -6.65 -10.12 -13.11
N PRO A 407 -5.69 -10.99 -13.44
CA PRO A 407 -4.42 -11.09 -12.68
C PRO A 407 -3.58 -9.80 -12.66
N ALA A 408 -3.57 -9.02 -13.75
CA ALA A 408 -2.78 -7.78 -13.78
C ALA A 408 -3.33 -6.72 -12.84
N ILE A 409 -4.65 -6.56 -12.86
CA ILE A 409 -5.31 -5.67 -11.93
C ILE A 409 -5.18 -6.23 -10.51
N GLY A 410 -5.28 -7.54 -10.37
CA GLY A 410 -5.14 -8.18 -9.08
C GLY A 410 -3.77 -7.92 -8.46
N LEU A 411 -2.74 -7.87 -9.31
CA LEU A 411 -1.38 -7.70 -8.85
C LEU A 411 -1.24 -6.37 -8.09
N ILE A 412 -2.02 -5.38 -8.52
CA ILE A 412 -2.02 -4.04 -7.93
C ILE A 412 -3.12 -3.83 -6.87
N MET A 413 -4.30 -4.42 -7.07
CA MET A 413 -5.45 -4.11 -6.22
C MET A 413 -5.71 -5.09 -5.07
N THR A 414 -4.92 -6.15 -4.98
CA THR A 414 -5.13 -7.17 -3.95
C THR A 414 -3.81 -7.63 -3.36
N GLY A 415 -3.88 -8.29 -2.21
CA GLY A 415 -2.72 -8.99 -1.69
C GLY A 415 -2.26 -8.50 -0.34
N LEU A 416 -1.75 -9.42 0.46
CA LEU A 416 -1.09 -9.07 1.71
C LEU A 416 0.40 -8.85 1.48
N SER A 417 0.91 -9.29 0.34
CA SER A 417 2.36 -9.28 0.11
C SER A 417 2.72 -8.96 -1.33
N ASP A 418 3.76 -8.15 -1.51
CA ASP A 418 4.26 -7.80 -2.83
C ASP A 418 5.51 -8.60 -3.16
N ARG A 419 5.81 -9.60 -2.34
CA ARG A 419 7.01 -10.41 -2.50
C ARG A 419 6.93 -11.20 -3.79
N ALA A 420 7.93 -11.01 -4.67
CA ALA A 420 8.00 -11.76 -5.91
C ALA A 420 8.39 -13.21 -5.65
N SER A 421 8.00 -14.10 -6.56
CA SER A 421 8.26 -15.52 -6.38
C SER A 421 9.51 -15.93 -7.14
N LEU A 422 9.60 -15.49 -8.38
CA LEU A 422 10.72 -15.82 -9.25
C LEU A 422 11.24 -14.56 -9.93
N VAL A 423 12.55 -14.31 -9.84
CA VAL A 423 13.12 -13.12 -10.44
C VAL A 423 14.42 -13.44 -11.20
N VAL A 424 14.50 -12.98 -12.43
CA VAL A 424 15.63 -13.25 -13.30
C VAL A 424 16.18 -11.93 -13.79
N VAL A 425 17.49 -11.73 -13.63
CA VAL A 425 18.14 -10.52 -14.13
C VAL A 425 19.27 -10.95 -15.05
N ASN A 426 19.28 -10.44 -16.26
CA ASN A 426 20.33 -10.77 -17.21
C ASN A 426 20.50 -12.28 -17.38
N GLY A 427 19.39 -13.00 -17.34
CA GLY A 427 19.40 -14.43 -17.56
C GLY A 427 19.79 -15.25 -16.34
N GLN A 428 20.04 -14.55 -15.23
CA GLN A 428 20.44 -15.21 -14.00
C GLN A 428 19.29 -15.28 -13.00
N VAL A 429 18.90 -16.48 -12.57
CA VAL A 429 17.89 -16.64 -11.52
C VAL A 429 18.45 -16.15 -10.20
N LEU A 430 17.80 -15.14 -9.62
CA LEU A 430 18.30 -14.53 -8.40
C LEU A 430 17.34 -14.74 -7.22
N VAL A 431 16.06 -14.90 -7.53
CA VAL A 431 15.04 -15.16 -6.53
C VAL A 431 14.17 -16.33 -6.99
N GLU A 432 13.92 -17.26 -6.06
CA GLU A 432 13.03 -18.38 -6.34
C GLU A 432 12.32 -18.76 -5.05
N ASN A 433 11.02 -19.02 -5.17
CA ASN A 433 10.20 -19.29 -3.99
C ASN A 433 10.29 -18.15 -3.00
N GLU A 434 10.39 -16.92 -3.53
CA GLU A 434 10.48 -15.73 -2.69
C GLU A 434 11.78 -15.66 -1.89
N ARG A 435 12.79 -16.42 -2.29
CA ARG A 435 14.06 -16.38 -1.57
C ARG A 435 15.27 -16.18 -2.48
N PRO A 436 16.25 -15.40 -2.02
CA PRO A 436 17.50 -15.24 -2.77
C PRO A 436 18.12 -16.61 -3.01
N VAL A 437 18.55 -16.88 -4.24
CA VAL A 437 19.21 -18.14 -4.52
C VAL A 437 20.72 -18.01 -4.36
N LEU A 438 21.24 -16.80 -4.49
CA LEU A 438 22.69 -16.59 -4.36
C LEU A 438 23.07 -15.83 -3.08
N ALA A 439 22.30 -14.81 -2.73
CA ALA A 439 22.63 -13.98 -1.58
C ALA A 439 22.22 -14.68 -0.28
N ASP A 440 23.00 -14.46 0.78
CA ASP A 440 22.67 -14.97 2.12
C ASP A 440 21.80 -13.95 2.84
N LEU A 441 20.48 -14.14 2.74
CA LEU A 441 19.50 -13.21 3.28
C LEU A 441 19.76 -12.83 4.74
N GLU A 442 19.79 -13.84 5.61
CA GLU A 442 19.94 -13.60 7.04
C GLU A 442 21.28 -12.94 7.34
N ARG A 443 22.34 -13.34 6.63
CA ARG A 443 23.64 -12.75 6.90
C ARG A 443 23.69 -11.26 6.53
N ILE A 444 23.11 -10.92 5.37
CA ILE A 444 23.08 -9.55 4.90
C ILE A 444 22.27 -8.68 5.86
N VAL A 445 21.17 -9.20 6.36
CA VAL A 445 20.37 -8.49 7.35
C VAL A 445 21.20 -8.27 8.61
N ALA A 446 21.85 -9.32 9.08
CA ALA A 446 22.63 -9.21 10.31
C ALA A 446 23.75 -8.18 10.14
N ASN A 447 24.48 -8.28 9.04
CA ASN A 447 25.63 -7.39 8.80
C ASN A 447 25.24 -5.92 8.65
N THR A 448 24.20 -5.66 7.87
CA THR A 448 23.76 -4.28 7.65
C THR A 448 23.15 -3.69 8.92
N THR A 449 22.38 -4.49 9.63
CA THR A 449 21.74 -3.98 10.83
C THR A 449 22.80 -3.52 11.84
N ALA A 450 23.94 -4.21 11.88
CA ALA A 450 25.01 -3.82 12.82
C ALA A 450 25.69 -2.50 12.46
N LEU A 451 25.48 -2.03 11.23
CA LEU A 451 26.12 -0.81 10.77
C LEU A 451 25.22 0.43 10.77
N ILE A 452 23.92 0.26 11.02
CA ILE A 452 23.00 1.40 11.00
C ILE A 452 23.28 2.30 12.21
N PRO A 453 23.58 3.58 11.96
CA PRO A 453 23.85 4.51 13.07
C PRO A 453 22.64 4.62 13.98
N MET B 1 -1.78 -22.00 30.46
CA MET B 1 -1.36 -20.63 30.16
C MET B 1 -0.29 -20.56 29.08
N ILE B 2 -0.31 -19.47 28.30
CA ILE B 2 0.68 -19.24 27.27
C ILE B 2 1.44 -17.95 27.52
N LEU B 3 2.75 -18.00 27.33
CA LEU B 3 3.59 -16.84 27.52
C LEU B 3 4.32 -16.50 26.22
N ILE B 4 4.16 -15.27 25.76
CA ILE B 4 4.94 -14.79 24.64
C ILE B 4 6.09 -13.98 25.23
N ARG B 5 7.32 -14.45 25.00
CA ARG B 5 8.47 -13.88 25.70
C ARG B 5 9.41 -13.06 24.84
N GLY B 6 9.79 -11.89 25.34
CA GLY B 6 10.88 -11.11 24.78
C GLY B 6 10.51 -10.43 23.49
N LEU B 7 9.27 -9.95 23.41
CA LEU B 7 8.83 -9.18 22.25
C LEU B 7 9.67 -7.94 22.16
N THR B 8 10.15 -7.64 20.97
CA THR B 8 11.02 -6.49 20.79
C THR B 8 10.31 -5.20 21.16
N ARG B 9 9.03 -5.12 20.80
CA ARG B 9 8.24 -3.93 21.05
C ARG B 9 6.81 -4.36 21.31
N VAL B 10 6.15 -3.74 22.29
CA VAL B 10 4.74 -4.01 22.53
C VAL B 10 3.97 -2.70 22.61
N ILE B 11 3.00 -2.53 21.73
CA ILE B 11 2.18 -1.34 21.73
C ILE B 11 0.85 -1.68 22.39
N THR B 12 0.58 -1.14 23.58
CA THR B 12 -0.63 -1.55 24.35
C THR B 12 -1.91 -0.79 24.01
N PHE B 13 -1.75 0.45 23.58
CA PHE B 13 -2.88 1.36 23.43
C PHE B 13 -3.72 1.44 24.69
N ASP B 14 -3.07 1.25 25.84
CA ASP B 14 -3.78 1.44 27.11
C ASP B 14 -3.94 2.93 27.41
N ASP B 15 -4.50 3.23 28.57
CA ASP B 15 -4.93 4.59 28.86
C ASP B 15 -3.77 5.59 28.94
N GLN B 16 -2.56 5.09 29.11
CA GLN B 16 -1.39 5.98 29.07
C GLN B 16 -0.53 5.75 27.84
N GLU B 17 -1.08 5.03 26.86
CA GLU B 17 -0.40 4.74 25.60
C GLU B 17 0.96 4.08 25.84
N ARG B 18 1.05 3.28 26.89
CA ARG B 18 2.31 2.60 27.21
C ARG B 18 2.82 1.80 26.03
N GLU B 19 4.13 1.83 25.83
CA GLU B 19 4.79 0.88 24.96
C GLU B 19 5.90 0.21 25.78
N LEU B 20 6.26 -1.01 25.39
CA LEU B 20 7.28 -1.75 26.12
C LEU B 20 8.33 -2.27 25.17
N GLU B 21 9.56 -2.37 25.66
CA GLU B 21 10.63 -2.93 24.88
C GLU B 21 11.06 -4.23 25.52
N ASP B 22 11.35 -5.25 24.71
CA ASP B 22 11.83 -6.51 25.25
C ASP B 22 10.95 -7.00 26.40
N ALA B 23 9.65 -7.14 26.11
CA ALA B 23 8.69 -7.47 27.15
C ALA B 23 7.84 -8.70 26.79
N ASP B 24 7.00 -9.11 27.72
CA ASP B 24 6.29 -10.37 27.59
C ASP B 24 4.79 -10.13 27.70
N ILE B 25 4.02 -11.05 27.13
CA ILE B 25 2.57 -11.04 27.29
C ILE B 25 2.17 -12.40 27.81
N LEU B 26 1.41 -12.41 28.90
CA LEU B 26 0.97 -13.66 29.54
C LEU B 26 -0.53 -13.84 29.35
N ILE B 27 -0.92 -15.06 28.98
CA ILE B 27 -2.30 -15.38 28.60
C ILE B 27 -2.86 -16.60 29.31
N ASP B 28 -4.11 -16.47 29.76
CA ASP B 28 -4.79 -17.56 30.45
C ASP B 28 -6.21 -17.65 29.93
N GLY B 29 -6.48 -18.70 29.16
CA GLY B 29 -7.75 -18.85 28.48
C GLY B 29 -7.90 -17.78 27.42
N PRO B 30 -9.04 -17.09 27.42
CA PRO B 30 -9.35 -16.04 26.44
C PRO B 30 -8.75 -14.68 26.84
N LYS B 31 -8.16 -14.60 28.02
CA LYS B 31 -7.79 -13.29 28.53
C LYS B 31 -6.29 -13.08 28.76
N ILE B 32 -5.88 -11.84 28.63
CA ILE B 32 -4.53 -11.43 28.99
C ILE B 32 -4.43 -11.31 30.50
N VAL B 33 -3.40 -11.95 31.05
CA VAL B 33 -3.16 -11.94 32.49
C VAL B 33 -2.22 -10.81 32.86
N ALA B 34 -1.18 -10.63 32.06
CA ALA B 34 -0.17 -9.62 32.34
C ALA B 34 0.56 -9.15 31.10
N VAL B 35 1.00 -7.90 31.14
CA VAL B 35 1.87 -7.36 30.11
C VAL B 35 3.03 -6.64 30.81
N GLY B 36 4.25 -7.14 30.65
CA GLY B 36 5.42 -6.55 31.29
C GLY B 36 6.70 -7.31 31.04
N LYS B 37 7.79 -6.89 31.68
CA LYS B 37 9.10 -7.51 31.50
C LYS B 37 9.32 -8.70 32.42
N ASP B 38 10.01 -9.72 31.92
CA ASP B 38 10.43 -10.86 32.71
C ASP B 38 9.27 -11.47 33.52
N LEU B 39 8.13 -11.64 32.86
CA LEU B 39 6.99 -12.28 33.50
C LEU B 39 7.36 -13.71 33.82
N SER B 40 6.76 -14.27 34.86
CA SER B 40 7.09 -15.62 35.30
C SER B 40 6.46 -16.69 34.41
N ASP B 41 7.25 -17.70 34.06
CA ASP B 41 6.74 -18.85 33.33
C ASP B 41 6.13 -19.85 34.30
N ARG B 42 5.53 -19.32 35.36
CA ARG B 42 4.93 -20.12 36.44
C ARG B 42 4.10 -21.31 35.93
N SER B 43 2.80 -21.09 35.75
CA SER B 43 1.88 -22.15 35.33
C SER B 43 1.84 -22.26 33.81
N VAL B 44 2.82 -21.63 33.15
CA VAL B 44 2.86 -21.60 31.70
C VAL B 44 3.12 -22.98 31.10
N SER B 45 2.23 -23.41 30.22
CA SER B 45 2.37 -24.69 29.55
C SER B 45 2.98 -24.55 28.16
N ARG B 46 3.24 -23.31 27.76
CA ARG B 46 3.91 -23.05 26.49
C ARG B 46 4.49 -21.64 26.39
N THR B 47 5.72 -21.57 25.90
CA THR B 47 6.38 -20.29 25.71
C THR B 47 6.67 -20.07 24.23
N ILE B 48 6.27 -18.89 23.75
CA ILE B 48 6.45 -18.53 22.36
C ILE B 48 7.52 -17.46 22.26
N ASP B 49 8.49 -17.66 21.37
CA ASP B 49 9.61 -16.74 21.25
C ASP B 49 9.17 -15.49 20.51
N GLY B 50 9.14 -14.36 21.20
CA GLY B 50 8.66 -13.13 20.62
C GLY B 50 9.76 -12.21 20.12
N ARG B 51 11.02 -12.64 20.23
CA ARG B 51 12.14 -11.79 19.85
C ARG B 51 12.07 -11.38 18.38
N GLY B 52 12.32 -10.11 18.11
CA GLY B 52 12.33 -9.61 16.74
C GLY B 52 10.96 -9.26 16.20
N MET B 53 9.94 -9.31 17.07
CA MET B 53 8.58 -8.99 16.66
C MET B 53 8.03 -7.76 17.37
N ILE B 54 7.11 -7.06 16.71
CA ILE B 54 6.31 -6.03 17.34
C ILE B 54 4.91 -6.58 17.56
N ALA B 55 4.37 -6.39 18.76
CA ALA B 55 3.03 -6.89 19.09
C ALA B 55 2.05 -5.74 19.28
N LEU B 56 0.88 -5.90 18.69
CA LEU B 56 -0.24 -4.97 18.83
C LEU B 56 -1.49 -5.72 19.29
N PRO B 57 -2.50 -4.97 19.76
CA PRO B 57 -3.82 -5.60 19.88
C PRO B 57 -4.22 -6.10 18.50
N GLY B 58 -4.94 -7.22 18.41
CA GLY B 58 -5.41 -7.68 17.12
C GLY B 58 -6.09 -6.55 16.37
N LEU B 59 -5.85 -6.49 15.05
CA LEU B 59 -6.50 -5.48 14.24
C LEU B 59 -8.00 -5.80 14.16
N ILE B 60 -8.82 -4.76 14.07
CA ILE B 60 -10.28 -4.95 14.00
C ILE B 60 -10.87 -4.21 12.80
N ASN B 61 -11.36 -4.99 11.83
CA ASN B 61 -11.96 -4.46 10.63
C ASN B 61 -13.44 -4.17 10.85
N SER B 62 -13.77 -2.90 11.11
CA SER B 62 -15.12 -2.55 11.51
C SER B 62 -16.12 -2.37 10.36
N HIS B 63 -15.70 -2.69 9.14
CA HIS B 63 -16.62 -2.62 8.00
C HIS B 63 -16.18 -3.49 6.82
N GLN B 64 -16.85 -4.63 6.66
CA GLN B 64 -16.60 -5.53 5.55
C GLN B 64 -17.88 -5.82 4.79
N HIS B 65 -17.73 -6.27 3.55
CA HIS B 65 -18.79 -6.95 2.81
C HIS B 65 -18.18 -8.21 2.24
N LEU B 66 -18.22 -9.29 3.03
CA LEU B 66 -17.46 -10.50 2.72
C LEU B 66 -17.78 -11.09 1.34
N TYR B 67 -19.05 -11.09 0.95
CA TYR B 67 -19.45 -11.74 -0.29
C TYR B 67 -18.75 -11.12 -1.50
N GLU B 68 -18.33 -9.86 -1.40
CA GLU B 68 -17.64 -9.19 -2.50
C GLU B 68 -16.26 -9.76 -2.79
N GLY B 69 -15.85 -10.74 -1.99
CA GLY B 69 -14.57 -11.39 -2.21
C GLY B 69 -14.57 -12.13 -3.54
N ALA B 70 -15.76 -12.41 -4.05
CA ALA B 70 -15.90 -13.12 -5.33
C ALA B 70 -15.83 -12.16 -6.51
N MET B 71 -15.73 -10.87 -6.21
CA MET B 71 -15.84 -9.86 -7.25
C MET B 71 -14.60 -8.97 -7.38
N ARG B 72 -13.42 -9.54 -7.15
CA ARG B 72 -12.17 -8.77 -7.17
C ARG B 72 -11.58 -8.61 -8.57
N ALA B 73 -11.01 -7.43 -8.84
CA ALA B 73 -10.23 -7.22 -10.06
C ALA B 73 -11.05 -7.51 -11.33
N ILE B 74 -12.30 -7.06 -11.35
CA ILE B 74 -13.12 -7.15 -12.56
C ILE B 74 -12.81 -5.94 -13.45
N PRO B 75 -12.31 -6.19 -14.66
CA PRO B 75 -11.80 -5.10 -15.50
C PRO B 75 -12.83 -3.99 -15.74
N GLN B 76 -14.09 -4.35 -15.95
CA GLN B 76 -15.14 -3.37 -16.23
C GLN B 76 -15.52 -2.54 -15.00
N LEU B 77 -15.09 -3.00 -13.83
CA LEU B 77 -15.36 -2.27 -12.60
C LEU B 77 -14.10 -1.60 -12.06
N GLU B 78 -13.00 -1.70 -12.82
CA GLU B 78 -11.74 -1.12 -12.35
C GLU B 78 -11.84 0.40 -12.20
N ARG B 79 -12.35 1.07 -13.23
CA ARG B 79 -12.45 2.52 -13.19
C ARG B 79 -13.87 2.98 -13.44
N VAL B 80 -14.66 3.10 -12.37
CA VAL B 80 -16.07 3.49 -12.48
C VAL B 80 -16.49 4.44 -11.36
N THR B 81 -17.51 5.24 -11.63
CA THR B 81 -18.15 6.07 -10.60
C THR B 81 -19.03 5.16 -9.76
N MET B 82 -19.52 5.67 -8.63
CA MET B 82 -20.36 4.87 -7.74
C MET B 82 -21.60 4.32 -8.44
N ALA B 83 -22.27 5.14 -9.23
CA ALA B 83 -23.49 4.70 -9.91
C ALA B 83 -23.20 3.48 -10.78
N SER B 84 -22.15 3.55 -11.60
CA SER B 84 -21.78 2.44 -12.46
C SER B 84 -21.34 1.24 -11.63
N TRP B 85 -20.62 1.51 -10.54
CA TRP B 85 -20.13 0.47 -9.65
C TRP B 85 -21.28 -0.30 -9.00
N LEU B 86 -22.17 0.43 -8.34
CA LEU B 86 -23.33 -0.19 -7.71
C LEU B 86 -24.12 -1.01 -8.73
N GLU B 87 -24.34 -0.41 -9.89
CA GLU B 87 -25.09 -1.08 -10.96
C GLU B 87 -24.42 -2.39 -11.35
N GLY B 88 -23.09 -2.36 -11.46
CA GLY B 88 -22.34 -3.50 -11.96
C GLY B 88 -22.29 -4.64 -10.97
N VAL B 89 -22.24 -4.30 -9.69
CA VAL B 89 -22.13 -5.30 -8.64
C VAL B 89 -23.46 -6.03 -8.43
N LEU B 90 -24.53 -5.26 -8.23
CA LEU B 90 -25.87 -5.83 -8.05
C LEU B 90 -26.28 -6.70 -9.26
N THR B 91 -26.01 -6.20 -10.46
CA THR B 91 -26.28 -6.94 -11.69
C THR B 91 -25.61 -8.31 -11.68
N ARG B 92 -24.33 -8.31 -11.34
CA ARG B 92 -23.51 -9.53 -11.34
C ARG B 92 -23.94 -10.48 -10.24
N SER B 93 -24.18 -9.94 -9.06
CA SER B 93 -24.53 -10.79 -7.92
C SER B 93 -25.92 -11.43 -8.10
N ALA B 94 -26.87 -10.67 -8.65
CA ALA B 94 -28.22 -11.18 -8.88
C ALA B 94 -28.26 -12.16 -10.04
N GLY B 95 -27.46 -11.88 -11.07
CA GLY B 95 -27.34 -12.76 -12.21
C GLY B 95 -26.75 -14.11 -11.82
N TRP B 96 -25.63 -14.07 -11.10
CA TRP B 96 -24.99 -15.29 -10.64
C TRP B 96 -25.95 -16.07 -9.78
N TRP B 97 -26.67 -15.35 -8.91
CA TRP B 97 -27.59 -15.99 -7.98
C TRP B 97 -28.75 -16.66 -8.70
N ARG B 98 -29.28 -15.99 -9.72
CA ARG B 98 -30.42 -16.54 -10.44
C ARG B 98 -29.96 -17.82 -11.13
N ASP B 99 -28.69 -17.86 -11.54
CA ASP B 99 -28.12 -19.02 -12.21
C ASP B 99 -27.58 -20.06 -11.23
N GLY B 100 -27.94 -19.90 -9.97
CA GLY B 100 -27.60 -20.87 -8.95
C GLY B 100 -26.11 -20.94 -8.63
N LYS B 101 -25.37 -19.90 -9.03
CA LYS B 101 -23.91 -19.85 -8.82
C LYS B 101 -23.52 -19.06 -7.57
N PHE B 102 -24.50 -18.59 -6.80
CA PHE B 102 -24.19 -17.66 -5.71
C PHE B 102 -25.06 -17.93 -4.49
N GLY B 103 -25.20 -19.21 -4.15
CA GLY B 103 -25.94 -19.60 -2.96
C GLY B 103 -25.14 -19.46 -1.70
N PRO B 104 -25.82 -19.57 -0.54
CA PRO B 104 -25.15 -19.52 0.76
C PRO B 104 -23.92 -20.43 0.85
N ASP B 105 -23.89 -21.54 0.12
CA ASP B 105 -22.76 -22.44 0.13
C ASP B 105 -21.54 -21.78 -0.53
N VAL B 106 -21.80 -20.97 -1.54
CA VAL B 106 -20.73 -20.23 -2.19
C VAL B 106 -20.24 -19.09 -1.30
N ILE B 107 -21.16 -18.36 -0.69
CA ILE B 107 -20.81 -17.27 0.20
C ILE B 107 -20.01 -17.77 1.42
N ARG B 108 -20.36 -18.96 1.92
CA ARG B 108 -19.62 -19.55 3.01
C ARG B 108 -18.14 -19.69 2.69
N GLU B 109 -17.84 -20.20 1.49
CA GLU B 109 -16.44 -20.44 1.09
C GLU B 109 -15.72 -19.15 0.73
N VAL B 110 -16.45 -18.18 0.20
CA VAL B 110 -15.88 -16.87 -0.09
C VAL B 110 -15.53 -16.18 1.23
N ALA B 111 -16.47 -16.24 2.18
CA ALA B 111 -16.22 -15.72 3.52
C ALA B 111 -15.03 -16.45 4.17
N ARG B 112 -14.95 -17.76 3.97
CA ARG B 112 -13.86 -18.50 4.57
C ARG B 112 -12.49 -17.96 4.10
N ALA B 113 -12.37 -17.67 2.80
CA ALA B 113 -11.11 -17.21 2.24
C ALA B 113 -10.77 -15.79 2.64
N VAL B 114 -11.75 -14.89 2.61
CA VAL B 114 -11.51 -13.50 2.98
C VAL B 114 -11.20 -13.38 4.47
N LEU B 115 -11.86 -14.20 5.29
CA LEU B 115 -11.58 -14.22 6.73
C LEU B 115 -10.22 -14.84 7.04
N LEU B 116 -9.78 -15.81 6.23
CA LEU B 116 -8.48 -16.41 6.45
C LEU B 116 -7.39 -15.39 6.11
N GLU B 117 -7.51 -14.77 4.95
CA GLU B 117 -6.65 -13.65 4.60
C GLU B 117 -6.64 -12.62 5.72
N SER B 118 -7.80 -12.36 6.33
CA SER B 118 -7.89 -11.38 7.40
C SER B 118 -7.00 -11.78 8.58
N LEU B 119 -7.10 -13.03 9.02
CA LEU B 119 -6.23 -13.52 10.07
C LEU B 119 -4.76 -13.39 9.66
N LEU B 120 -4.46 -13.69 8.40
CA LEU B 120 -3.08 -13.64 7.95
C LEU B 120 -2.56 -12.20 7.88
N GLY B 121 -3.46 -11.22 7.88
CA GLY B 121 -3.07 -9.82 7.87
C GLY B 121 -3.12 -9.20 9.25
N GLY B 122 -3.23 -10.04 10.28
CA GLY B 122 -3.23 -9.59 11.65
C GLY B 122 -4.58 -9.08 12.14
N ILE B 123 -5.65 -9.45 11.46
CA ILE B 123 -7.00 -9.00 11.84
C ILE B 123 -7.66 -10.08 12.69
N THR B 124 -8.06 -9.71 13.90
CA THR B 124 -8.53 -10.72 14.85
C THR B 124 -10.06 -10.62 15.02
N THR B 125 -10.66 -9.53 14.56
CA THR B 125 -12.11 -9.36 14.60
C THR B 125 -12.60 -8.66 13.34
N VAL B 126 -13.65 -9.21 12.74
CA VAL B 126 -14.27 -8.63 11.55
C VAL B 126 -15.76 -8.35 11.77
N ALA B 127 -16.21 -7.16 11.36
CA ALA B 127 -17.64 -6.87 11.32
C ALA B 127 -18.09 -6.87 9.86
N ASP B 128 -18.91 -7.85 9.49
CA ASP B 128 -19.42 -7.97 8.13
C ASP B 128 -20.86 -7.47 8.03
N GLN B 129 -21.16 -6.78 6.94
CA GLN B 129 -22.51 -6.34 6.66
C GLN B 129 -22.94 -7.00 5.37
N HIS B 130 -23.64 -8.13 5.47
CA HIS B 130 -24.02 -8.85 4.26
C HIS B 130 -25.23 -8.17 3.61
N LEU B 131 -25.05 -7.71 2.37
CA LEU B 131 -26.02 -6.85 1.71
C LEU B 131 -26.85 -7.58 0.65
N PHE B 132 -26.50 -8.84 0.38
CA PHE B 132 -27.12 -9.57 -0.71
C PHE B 132 -28.20 -10.53 -0.23
N PHE B 133 -29.44 -10.05 -0.17
CA PHE B 133 -30.59 -10.87 0.27
C PHE B 133 -31.67 -10.99 -0.82
N PRO B 134 -31.37 -11.76 -1.88
CA PRO B 134 -32.27 -11.91 -3.04
C PRO B 134 -33.56 -12.65 -2.70
N GLY B 135 -34.64 -12.32 -3.39
CA GLY B 135 -35.95 -12.82 -3.06
C GLY B 135 -36.41 -12.13 -1.80
N ALA B 136 -37.71 -12.23 -1.51
CA ALA B 136 -38.25 -11.56 -0.33
C ALA B 136 -37.66 -12.15 0.96
N THR B 137 -37.29 -13.43 0.89
CA THR B 137 -36.75 -14.15 2.05
C THR B 137 -35.24 -14.26 2.01
N ALA B 138 -34.56 -13.56 2.92
CA ALA B 138 -33.12 -13.68 3.08
C ALA B 138 -32.74 -15.10 3.50
N ASP B 139 -32.07 -15.81 2.60
CA ASP B 139 -31.66 -17.19 2.85
C ASP B 139 -30.71 -17.28 4.05
N SER B 140 -29.94 -18.37 4.12
CA SER B 140 -29.02 -18.58 5.23
C SER B 140 -27.64 -17.94 4.97
N TYR B 141 -27.63 -16.78 4.32
CA TYR B 141 -26.37 -16.09 4.05
C TYR B 141 -25.60 -15.73 5.31
N ILE B 142 -26.26 -15.09 6.27
CA ILE B 142 -25.59 -14.68 7.49
C ILE B 142 -25.06 -15.89 8.25
N ASP B 143 -25.84 -16.97 8.26
CA ASP B 143 -25.41 -18.20 8.93
C ASP B 143 -24.15 -18.76 8.28
N ALA B 144 -24.06 -18.61 6.97
CA ALA B 144 -22.90 -19.07 6.24
C ALA B 144 -21.64 -18.30 6.69
N THR B 145 -21.72 -16.97 6.69
CA THR B 145 -20.56 -16.19 7.11
C THR B 145 -20.19 -16.54 8.54
N ILE B 146 -21.20 -16.67 9.41
CA ILE B 146 -20.93 -17.03 10.79
C ILE B 146 -20.25 -18.39 10.91
N GLU B 147 -20.62 -19.32 10.04
CA GLU B 147 -20.02 -20.66 10.05
C GLU B 147 -18.56 -20.62 9.59
N ALA B 148 -18.28 -19.89 8.52
CA ALA B 148 -16.90 -19.70 8.12
C ALA B 148 -16.09 -19.16 9.30
N ALA B 149 -16.60 -18.11 9.93
CA ALA B 149 -15.87 -17.43 11.00
C ALA B 149 -15.59 -18.32 12.20
N THR B 150 -16.59 -19.11 12.60
CA THR B 150 -16.44 -19.99 13.76
C THR B 150 -15.49 -21.15 13.46
N ASP B 151 -15.55 -21.68 12.23
CA ASP B 151 -14.59 -22.70 11.79
C ASP B 151 -13.13 -22.19 11.87
N LEU B 152 -12.94 -20.90 11.60
CA LEU B 152 -11.59 -20.31 11.57
C LEU B 152 -11.11 -19.87 12.95
N GLY B 153 -12.04 -19.55 13.83
CA GLY B 153 -11.68 -19.04 15.14
C GLY B 153 -11.49 -17.53 15.21
N ILE B 154 -11.97 -16.82 14.19
CA ILE B 154 -11.90 -15.37 14.17
C ILE B 154 -13.11 -14.78 14.90
N ARG B 155 -12.90 -13.71 15.64
CA ARG B 155 -14.00 -13.03 16.33
C ARG B 155 -14.83 -12.33 15.28
N PHE B 156 -16.16 -12.38 15.41
CA PHE B 156 -16.98 -11.98 14.28
C PHE B 156 -18.23 -11.21 14.70
N HIS B 157 -18.44 -10.05 14.08
CA HIS B 157 -19.70 -9.32 14.21
C HIS B 157 -20.46 -9.33 12.89
N ALA B 158 -21.71 -9.77 12.94
CA ALA B 158 -22.58 -9.81 11.77
C ALA B 158 -23.64 -8.74 11.91
N ALA B 159 -23.53 -7.70 11.10
CA ALA B 159 -24.50 -6.62 11.09
C ALA B 159 -25.54 -6.92 10.02
N ARG B 160 -26.72 -7.38 10.45
CA ARG B 160 -27.78 -7.78 9.54
C ARG B 160 -28.24 -6.59 8.71
N SER B 161 -28.00 -6.64 7.40
CA SER B 161 -28.32 -5.51 6.55
C SER B 161 -29.64 -5.69 5.80
N SER B 162 -30.04 -4.67 5.05
CA SER B 162 -31.32 -4.72 4.38
C SER B 162 -31.50 -3.61 3.35
N MET B 163 -32.65 -3.62 2.69
CA MET B 163 -33.00 -2.59 1.74
C MET B 163 -34.52 -2.50 1.73
N THR B 164 -35.05 -1.95 2.82
CA THR B 164 -36.49 -1.97 3.07
C THR B 164 -37.27 -0.89 2.32
N LEU B 165 -36.58 -0.05 1.57
CA LEU B 165 -37.23 1.01 0.82
C LEU B 165 -37.06 0.79 -0.68
N GLY B 166 -38.04 0.14 -1.29
CA GLY B 166 -37.97 -0.20 -2.70
C GLY B 166 -38.32 0.98 -3.58
N LYS B 167 -37.79 0.98 -4.81
CA LYS B 167 -38.08 2.04 -5.76
C LYS B 167 -39.57 2.06 -6.10
N SER B 168 -40.23 0.93 -5.88
CA SER B 168 -41.68 0.84 -6.12
C SER B 168 -42.44 1.73 -5.16
N GLU B 169 -41.73 2.64 -4.49
CA GLU B 169 -42.36 3.59 -3.59
C GLU B 169 -41.43 4.73 -3.21
N GLY B 170 -40.69 5.24 -4.20
CA GLY B 170 -39.86 6.41 -3.99
C GLY B 170 -38.44 6.07 -3.59
N GLY B 171 -38.18 4.79 -3.39
CA GLY B 171 -36.85 4.34 -2.98
C GLY B 171 -35.90 4.20 -4.15
N PHE B 172 -34.71 3.68 -3.88
CA PHE B 172 -33.72 3.49 -4.92
C PHE B 172 -33.31 2.01 -5.01
N CYS B 173 -33.99 1.18 -4.23
CA CYS B 173 -33.66 -0.24 -4.16
C CYS B 173 -34.53 -1.06 -5.10
N ASP B 174 -33.91 -2.04 -5.76
CA ASP B 174 -34.67 -2.99 -6.57
C ASP B 174 -35.51 -3.87 -5.66
N ASP B 175 -36.74 -4.16 -6.09
CA ASP B 175 -37.69 -4.90 -5.27
C ASP B 175 -37.30 -6.36 -5.03
N LEU B 176 -36.20 -6.78 -5.63
CA LEU B 176 -35.71 -8.13 -5.48
C LEU B 176 -35.11 -8.33 -4.07
N PHE B 177 -34.63 -7.24 -3.48
CA PHE B 177 -33.98 -7.30 -2.17
C PHE B 177 -34.85 -6.67 -1.08
N VAL B 178 -36.01 -6.16 -1.45
CA VAL B 178 -36.83 -5.38 -0.54
C VAL B 178 -37.76 -6.22 0.33
N GLU B 179 -37.41 -6.32 1.61
CA GLU B 179 -38.18 -7.08 2.57
C GLU B 179 -39.08 -6.15 3.39
N PRO B 180 -40.22 -6.67 3.87
CA PRO B 180 -41.06 -5.91 4.80
C PRO B 180 -40.30 -5.67 6.10
N VAL B 181 -40.50 -4.50 6.69
CA VAL B 181 -39.74 -4.17 7.89
C VAL B 181 -39.83 -5.28 8.93
N ASP B 182 -41.07 -5.74 9.20
CA ASP B 182 -41.28 -6.75 10.23
C ASP B 182 -40.55 -8.06 9.93
N ARG B 183 -40.37 -8.40 8.67
CA ARG B 183 -39.64 -9.62 8.35
C ARG B 183 -38.16 -9.47 8.69
N VAL B 184 -37.64 -8.26 8.46
CA VAL B 184 -36.27 -7.95 8.80
C VAL B 184 -36.08 -8.00 10.32
N VAL B 185 -36.99 -7.36 11.04
CA VAL B 185 -36.89 -7.32 12.50
C VAL B 185 -36.94 -8.73 13.05
N GLN B 186 -37.79 -9.55 12.45
CA GLN B 186 -37.97 -10.92 12.90
C GLN B 186 -36.74 -11.80 12.62
N HIS B 187 -36.15 -11.65 11.44
CA HIS B 187 -34.91 -12.36 11.15
C HIS B 187 -33.83 -12.00 12.15
N CYS B 188 -33.71 -10.70 12.47
CA CYS B 188 -32.72 -10.22 13.44
C CYS B 188 -32.96 -10.81 14.82
N LEU B 189 -34.22 -10.83 15.25
CA LEU B 189 -34.51 -11.34 16.59
C LEU B 189 -34.08 -12.79 16.68
N GLY B 190 -34.30 -13.54 15.60
CA GLY B 190 -33.89 -14.94 15.54
C GLY B 190 -32.38 -15.09 15.53
N LEU B 191 -31.69 -14.25 14.75
CA LEU B 191 -30.23 -14.27 14.73
C LEU B 191 -29.66 -14.09 16.14
N ILE B 192 -30.14 -13.05 16.83
CA ILE B 192 -29.70 -12.78 18.19
C ILE B 192 -29.92 -13.99 19.10
N ASP B 193 -31.07 -14.64 18.94
CA ASP B 193 -31.43 -15.78 19.77
C ASP B 193 -30.45 -16.93 19.49
N GLN B 194 -30.24 -17.25 18.22
CA GLN B 194 -29.35 -18.35 17.88
C GLN B 194 -27.85 -18.04 18.10
N TYR B 195 -27.44 -16.80 17.84
CA TYR B 195 -26.00 -16.53 17.67
C TYR B 195 -25.32 -15.57 18.66
N HIS B 196 -26.06 -14.65 19.23
CA HIS B 196 -25.46 -13.56 20.00
C HIS B 196 -24.75 -14.03 21.28
N GLU B 197 -23.48 -13.67 21.42
CA GLU B 197 -22.73 -13.99 22.65
C GLU B 197 -22.37 -12.71 23.42
N PRO B 198 -23.29 -12.25 24.26
CA PRO B 198 -23.19 -10.94 24.93
C PRO B 198 -22.16 -10.88 26.06
N GLU B 199 -21.70 -12.04 26.53
CA GLU B 199 -20.75 -12.07 27.62
C GLU B 199 -19.40 -11.51 27.17
N PRO B 200 -18.57 -11.07 28.13
CA PRO B 200 -17.21 -10.62 27.82
C PRO B 200 -16.47 -11.73 27.09
N PHE B 201 -15.73 -11.39 26.05
CA PHE B 201 -14.98 -12.34 25.23
C PHE B 201 -15.84 -13.14 24.26
N GLY B 202 -17.11 -12.75 24.14
CA GLY B 202 -18.01 -13.41 23.20
C GLY B 202 -17.39 -13.39 21.82
N MET B 203 -17.54 -14.50 21.10
CA MET B 203 -16.90 -14.68 19.78
C MET B 203 -17.79 -14.38 18.58
N VAL B 204 -19.11 -14.34 18.80
CA VAL B 204 -20.03 -13.96 17.73
C VAL B 204 -21.04 -12.97 18.29
N ARG B 205 -21.18 -11.82 17.63
CA ARG B 205 -22.19 -10.85 18.04
C ARG B 205 -22.98 -10.35 16.85
N ILE B 206 -24.22 -9.93 17.12
CA ILE B 206 -25.10 -9.43 16.08
C ILE B 206 -25.25 -7.92 16.19
N ALA B 207 -25.22 -7.25 15.04
CA ALA B 207 -25.53 -5.82 15.02
C ALA B 207 -26.62 -5.62 13.99
N LEU B 208 -27.21 -4.43 14.01
CA LEU B 208 -28.35 -4.15 13.16
C LEU B 208 -27.90 -3.06 12.21
N GLY B 209 -27.85 -3.37 10.92
CA GLY B 209 -27.22 -2.45 10.00
C GLY B 209 -27.94 -2.19 8.70
N PRO B 210 -28.94 -1.31 8.74
CA PRO B 210 -29.60 -0.86 7.50
C PRO B 210 -28.54 -0.46 6.48
N CYS B 211 -28.84 -0.63 5.20
CA CYS B 211 -27.92 -0.21 4.17
C CYS B 211 -27.60 1.29 4.31
N GLY B 212 -28.62 2.11 4.55
CA GLY B 212 -28.38 3.54 4.71
C GLY B 212 -29.63 4.37 4.55
N VAL B 213 -29.52 5.66 4.81
CA VAL B 213 -30.68 6.55 4.78
C VAL B 213 -31.45 6.54 3.45
N PRO B 214 -30.73 6.49 2.32
CA PRO B 214 -31.46 6.49 1.04
C PRO B 214 -32.10 5.15 0.68
N TYR B 215 -31.91 4.12 1.50
CA TYR B 215 -32.28 2.77 1.08
C TYR B 215 -33.25 2.08 2.03
N ASP B 216 -33.43 2.65 3.22
CA ASP B 216 -34.29 2.02 4.22
C ASP B 216 -35.32 2.97 4.80
N LYS B 217 -36.44 2.39 5.25
CA LYS B 217 -37.55 3.14 5.82
C LYS B 217 -37.25 3.64 7.23
N PRO B 218 -37.76 4.83 7.58
CA PRO B 218 -37.59 5.38 8.92
C PRO B 218 -38.06 4.40 9.99
N GLU B 219 -39.05 3.57 9.64
CA GLU B 219 -39.61 2.58 10.56
C GLU B 219 -38.61 1.46 10.89
N LEU B 220 -37.79 1.08 9.91
CA LEU B 220 -36.73 0.12 10.20
C LEU B 220 -35.78 0.72 11.22
N PHE B 221 -35.33 1.95 10.96
CA PHE B 221 -34.40 2.62 11.87
C PHE B 221 -34.95 2.70 13.28
N GLU B 222 -36.21 3.15 13.42
CA GLU B 222 -36.83 3.19 14.74
C GLU B 222 -37.01 1.78 15.35
N ALA B 223 -37.38 0.80 14.53
CA ALA B 223 -37.46 -0.59 15.00
C ALA B 223 -36.12 -1.08 15.51
N PHE B 224 -35.04 -0.71 14.82
CA PHE B 224 -33.69 -1.07 15.25
C PHE B 224 -33.29 -0.32 16.52
N ALA B 225 -33.52 0.99 16.56
CA ALA B 225 -33.22 1.76 17.76
C ALA B 225 -33.85 1.09 18.98
N GLN B 226 -35.07 0.58 18.82
CA GLN B 226 -35.75 -0.07 19.93
C GLN B 226 -35.09 -1.39 20.30
N MET B 227 -34.81 -2.23 19.31
CA MET B 227 -34.09 -3.49 19.54
C MET B 227 -32.75 -3.27 20.25
N ALA B 228 -32.00 -2.27 19.82
CA ALA B 228 -30.66 -2.03 20.37
C ALA B 228 -30.77 -1.83 21.87
N ALA B 229 -31.78 -1.06 22.28
CA ALA B 229 -32.04 -0.85 23.70
C ALA B 229 -32.43 -2.17 24.38
N ASP B 230 -33.40 -2.87 23.80
CA ASP B 230 -33.87 -4.16 24.34
C ASP B 230 -32.76 -5.19 24.57
N TYR B 231 -31.87 -5.32 23.58
CA TYR B 231 -30.91 -6.42 23.58
C TYR B 231 -29.47 -5.96 23.74
N ASP B 232 -29.28 -4.65 23.91
CA ASP B 232 -27.95 -4.09 24.06
C ASP B 232 -27.02 -4.56 22.95
N VAL B 233 -27.47 -4.36 21.71
CA VAL B 233 -26.65 -4.59 20.54
C VAL B 233 -26.46 -3.25 19.86
N ARG B 234 -25.63 -3.21 18.83
CA ARG B 234 -25.23 -1.93 18.26
C ARG B 234 -25.80 -1.68 16.88
N LEU B 235 -25.81 -0.42 16.48
CA LEU B 235 -26.41 0.00 15.23
C LEU B 235 -25.33 0.45 14.25
N HIS B 236 -25.45 0.04 13.01
CA HIS B 236 -24.43 0.33 12.01
C HIS B 236 -25.07 0.66 10.68
N THR B 237 -24.57 1.70 9.99
CA THR B 237 -25.01 1.97 8.62
C THR B 237 -24.01 2.85 7.88
N HIS B 238 -24.23 3.05 6.59
CA HIS B 238 -23.38 3.93 5.81
C HIS B 238 -23.78 5.37 6.09
N PHE B 239 -22.81 6.28 5.99
CA PHE B 239 -23.02 7.63 6.45
C PHE B 239 -22.25 8.65 5.60
N TYR B 240 -22.97 9.61 5.06
CA TYR B 240 -22.40 10.67 4.22
C TYR B 240 -21.41 10.21 3.16
N GLN B 241 -21.83 9.26 2.33
CA GLN B 241 -21.15 9.03 1.07
C GLN B 241 -21.63 10.16 0.17
N PRO B 242 -20.90 10.46 -0.90
CA PRO B 242 -21.36 11.57 -1.75
C PRO B 242 -22.71 11.25 -2.40
N LEU B 243 -23.54 12.27 -2.55
CA LEU B 243 -24.88 12.12 -3.14
C LEU B 243 -25.97 11.74 -2.14
N ASP B 244 -25.57 11.15 -1.00
CA ASP B 244 -26.52 10.82 0.07
C ASP B 244 -27.38 12.01 0.46
N ALA B 245 -26.72 13.11 0.82
CA ALA B 245 -27.42 14.31 1.28
C ALA B 245 -28.49 14.74 0.29
N GLY B 246 -28.17 14.63 -0.99
CA GLY B 246 -29.14 14.93 -2.03
C GLY B 246 -30.36 14.02 -1.98
N MET B 247 -30.11 12.73 -1.81
CA MET B 247 -31.19 11.74 -1.78
C MET B 247 -32.07 11.85 -0.53
N SER B 248 -31.43 12.18 0.59
CA SER B 248 -32.11 12.32 1.87
C SER B 248 -33.05 13.51 1.87
N ASP B 249 -32.58 14.63 1.35
CA ASP B 249 -33.37 15.84 1.25
C ASP B 249 -34.53 15.62 0.29
N HIS B 250 -34.28 14.80 -0.72
CA HIS B 250 -35.29 14.53 -1.75
C HIS B 250 -36.45 13.69 -1.21
N LEU B 251 -36.16 12.77 -0.30
CA LEU B 251 -37.18 11.90 0.28
C LEU B 251 -37.76 12.46 1.57
N TYR B 252 -36.92 13.16 2.34
CA TYR B 252 -37.33 13.57 3.68
C TYR B 252 -37.11 15.05 3.92
N GLY B 253 -36.54 15.73 2.94
CA GLY B 253 -36.30 17.16 3.06
C GLY B 253 -35.40 17.57 4.21
N MET B 254 -34.54 16.66 4.65
CA MET B 254 -33.55 16.97 5.69
C MET B 254 -32.20 16.32 5.39
N THR B 255 -31.20 16.58 6.21
CA THR B 255 -29.90 15.95 6.02
C THR B 255 -29.93 14.52 6.53
N PRO B 256 -29.03 13.67 6.02
CA PRO B 256 -28.89 12.31 6.55
C PRO B 256 -28.78 12.29 8.07
N TRP B 257 -28.03 13.24 8.64
CA TRP B 257 -27.86 13.31 10.09
C TRP B 257 -29.14 13.70 10.82
N ARG B 258 -29.84 14.69 10.29
CA ARG B 258 -31.12 15.12 10.84
C ARG B 258 -32.07 13.93 10.87
N PHE B 259 -32.10 13.18 9.77
CA PHE B 259 -32.88 11.96 9.67
C PHE B 259 -32.52 10.94 10.76
N LEU B 260 -31.24 10.59 10.85
CA LEU B 260 -30.80 9.58 11.82
C LEU B 260 -31.21 9.98 13.22
N GLU B 261 -31.07 11.26 13.52
CA GLU B 261 -31.40 11.79 14.83
C GLU B 261 -32.93 11.73 15.05
N LYS B 262 -33.68 12.12 14.02
CA LYS B 262 -35.14 12.05 14.07
C LYS B 262 -35.63 10.64 14.42
N HIS B 263 -34.88 9.63 13.99
CA HIS B 263 -35.32 8.26 14.15
C HIS B 263 -34.50 7.43 15.13
N GLY B 264 -33.90 8.10 16.10
CA GLY B 264 -33.34 7.45 17.26
C GLY B 264 -31.91 6.94 17.10
N TRP B 265 -31.23 7.42 16.08
CA TRP B 265 -29.87 6.95 15.80
C TRP B 265 -28.74 7.92 16.21
N ALA B 266 -29.09 9.07 16.80
CA ALA B 266 -28.05 9.92 17.37
C ALA B 266 -27.74 9.46 18.78
N SER B 267 -27.02 8.35 18.90
CA SER B 267 -26.74 7.75 20.20
C SER B 267 -25.39 7.06 20.20
N ASP B 268 -24.85 6.81 21.38
CA ASP B 268 -23.56 6.14 21.52
C ASP B 268 -23.65 4.64 21.24
N ARG B 269 -24.78 4.21 20.67
CA ARG B 269 -24.95 2.81 20.28
C ARG B 269 -24.58 2.63 18.81
N VAL B 270 -24.27 3.73 18.15
CA VAL B 270 -24.15 3.74 16.69
C VAL B 270 -22.69 3.89 16.22
N TRP B 271 -22.33 3.13 15.17
CA TRP B 271 -21.11 3.41 14.42
C TRP B 271 -21.40 3.49 12.92
N LEU B 272 -20.75 4.45 12.27
CA LEU B 272 -21.14 4.88 10.93
C LEU B 272 -20.00 4.77 9.92
N ALA B 273 -20.28 4.17 8.76
CA ALA B 273 -19.24 3.91 7.77
C ALA B 273 -19.01 5.08 6.81
N HIS B 274 -17.72 5.38 6.59
CA HIS B 274 -17.23 6.40 5.65
C HIS B 274 -17.25 7.82 6.22
N ALA B 275 -18.45 8.36 6.38
CA ALA B 275 -18.62 9.73 6.85
C ALA B 275 -17.72 10.68 6.05
N VAL B 276 -17.86 10.65 4.73
CA VAL B 276 -16.93 11.33 3.84
C VAL B 276 -17.18 12.84 3.70
N VAL B 277 -18.45 13.22 3.51
CA VAL B 277 -18.77 14.61 3.20
C VAL B 277 -19.91 15.17 4.04
N PRO B 278 -19.75 15.16 5.36
CA PRO B 278 -20.71 15.76 6.28
C PRO B 278 -20.64 17.28 6.24
N PRO B 279 -21.76 17.96 6.52
CA PRO B 279 -21.67 19.42 6.74
C PRO B 279 -20.84 19.72 7.99
N ARG B 280 -19.88 20.64 7.88
CA ARG B 280 -18.98 20.94 8.99
C ARG B 280 -19.72 21.24 10.29
N GLU B 281 -20.84 21.94 10.18
CA GLU B 281 -21.60 22.35 11.37
C GLU B 281 -22.24 21.16 12.11
N GLU B 282 -22.36 20.02 11.43
CA GLU B 282 -22.98 18.85 12.06
C GLU B 282 -21.99 18.05 12.90
N ILE B 283 -20.70 18.27 12.68
CA ILE B 283 -19.68 17.47 13.36
C ILE B 283 -19.72 17.52 14.89
N PRO B 284 -19.90 18.73 15.47
CA PRO B 284 -20.05 18.81 16.93
C PRO B 284 -21.26 18.02 17.44
N GLU B 285 -22.25 17.82 16.58
CA GLU B 285 -23.44 17.06 16.96
C GLU B 285 -23.12 15.57 17.06
N PHE B 286 -22.25 15.09 16.17
CA PHE B 286 -21.81 13.70 16.22
C PHE B 286 -21.11 13.51 17.54
N ALA B 287 -20.34 14.52 17.93
CA ALA B 287 -19.57 14.46 19.17
C ALA B 287 -20.49 14.33 20.36
N ASP B 288 -21.48 15.21 20.44
CA ASP B 288 -22.39 15.22 21.58
C ASP B 288 -23.23 13.95 21.63
N ALA B 289 -23.68 13.49 20.47
CA ALA B 289 -24.47 12.27 20.38
C ALA B 289 -23.63 11.05 20.75
N GLY B 290 -22.31 11.15 20.54
CA GLY B 290 -21.42 10.08 20.93
C GLY B 290 -21.37 8.94 19.93
N VAL B 291 -21.73 9.22 18.69
CA VAL B 291 -21.61 8.24 17.62
C VAL B 291 -20.13 7.97 17.30
N ALA B 292 -19.86 6.78 16.76
CA ALA B 292 -18.52 6.42 16.32
C ALA B 292 -18.47 6.43 14.81
N ILE B 293 -17.27 6.56 14.25
CA ILE B 293 -17.10 6.64 12.81
C ILE B 293 -15.98 5.73 12.30
N ALA B 294 -16.28 4.95 11.26
CA ALA B 294 -15.27 4.05 10.69
C ALA B 294 -14.66 4.64 9.41
N HIS B 295 -13.35 4.89 9.43
CA HIS B 295 -12.67 5.47 8.28
C HIS B 295 -12.37 4.37 7.27
N LEU B 296 -12.78 4.55 6.02
CA LEU B 296 -12.52 3.57 4.97
C LEU B 296 -11.76 4.18 3.79
N ILE B 297 -10.46 4.40 3.98
CA ILE B 297 -9.68 5.15 3.01
C ILE B 297 -9.69 4.52 1.60
N ALA B 298 -9.58 3.20 1.53
CA ALA B 298 -9.45 2.54 0.22
C ALA B 298 -10.64 2.78 -0.71
N PRO B 299 -11.87 2.49 -0.23
CA PRO B 299 -13.10 2.71 -0.98
C PRO B 299 -13.29 4.18 -1.31
N ASP B 300 -12.99 5.06 -0.37
CA ASP B 300 -13.21 6.50 -0.57
C ASP B 300 -12.35 7.01 -1.74
N LEU B 301 -11.09 6.59 -1.76
CA LEU B 301 -10.20 6.91 -2.87
C LEU B 301 -10.61 6.21 -4.14
N ARG B 302 -10.92 4.91 -4.03
CA ARG B 302 -11.23 4.11 -5.21
C ARG B 302 -12.45 4.63 -6.00
N MET B 303 -13.43 5.19 -5.29
CA MET B 303 -14.64 5.73 -5.94
C MET B 303 -14.44 7.17 -6.38
N GLY B 304 -13.27 7.71 -6.09
CA GLY B 304 -12.97 9.10 -6.39
C GLY B 304 -13.59 10.09 -5.42
N TRP B 305 -13.97 9.62 -4.23
CA TRP B 305 -14.68 10.47 -3.27
C TRP B 305 -13.80 11.47 -2.51
N GLY B 306 -12.58 11.07 -2.19
CA GLY B 306 -11.69 11.98 -1.48
C GLY B 306 -11.50 11.65 -0.01
N LEU B 307 -11.15 12.67 0.78
CA LEU B 307 -10.71 12.49 2.14
C LEU B 307 -11.74 12.88 3.18
N ALA B 308 -12.15 11.91 4.00
CA ALA B 308 -13.02 12.19 5.13
C ALA B 308 -12.28 13.07 6.13
N PRO B 309 -13.00 13.97 6.80
CA PRO B 309 -12.33 14.89 7.72
C PRO B 309 -11.95 14.21 9.04
N ILE B 310 -11.01 13.28 9.00
CA ILE B 310 -10.64 12.50 10.19
C ILE B 310 -10.02 13.36 11.29
N ARG B 311 -9.11 14.26 10.92
CA ARG B 311 -8.54 15.14 11.93
C ARG B 311 -9.67 15.87 12.67
N GLU B 312 -10.60 16.44 11.91
CA GLU B 312 -11.75 17.12 12.49
C GLU B 312 -12.48 16.24 13.50
N TYR B 313 -12.71 14.97 13.14
CA TYR B 313 -13.44 14.08 14.06
C TYR B 313 -12.62 13.88 15.33
N LEU B 314 -11.33 13.62 15.17
CA LEU B 314 -10.45 13.43 16.33
C LEU B 314 -10.38 14.71 17.19
N ASP B 315 -10.35 15.86 16.53
CA ASP B 315 -10.33 17.15 17.24
C ASP B 315 -11.59 17.31 18.09
N ALA B 316 -12.71 16.82 17.58
CA ALA B 316 -13.98 16.89 18.29
C ALA B 316 -14.13 15.83 19.37
N GLY B 317 -13.17 14.91 19.44
CA GLY B 317 -13.24 13.79 20.36
C GLY B 317 -14.21 12.69 19.96
N ILE B 318 -14.52 12.60 18.67
CA ILE B 318 -15.35 11.51 18.14
C ILE B 318 -14.54 10.22 17.97
N THR B 319 -15.08 9.09 18.41
CA THR B 319 -14.45 7.79 18.24
C THR B 319 -14.23 7.49 16.76
N VAL B 320 -12.98 7.20 16.36
CA VAL B 320 -12.70 6.83 14.98
C VAL B 320 -12.06 5.46 14.87
N GLY B 321 -12.66 4.59 14.05
CA GLY B 321 -12.12 3.27 13.77
C GLY B 321 -11.78 3.15 12.29
N PHE B 322 -11.42 1.95 11.86
CA PHE B 322 -10.96 1.76 10.50
C PHE B 322 -11.54 0.47 9.92
N GLY B 323 -11.70 0.44 8.61
CA GLY B 323 -12.15 -0.75 7.91
C GLY B 323 -11.73 -0.73 6.46
N THR B 324 -11.96 -1.84 5.77
CA THR B 324 -11.51 -1.98 4.39
C THR B 324 -12.67 -1.87 3.40
N THR B 325 -13.89 -2.06 3.89
CA THR B 325 -15.05 -2.37 3.04
C THR B 325 -14.81 -3.68 2.29
N GLY B 326 -15.78 -4.06 1.47
CA GLY B 326 -15.69 -5.30 0.71
C GLY B 326 -14.65 -5.26 -0.40
N SER B 327 -14.34 -6.44 -0.94
CA SER B 327 -13.27 -6.55 -1.92
C SER B 327 -13.66 -6.19 -3.36
N ALA B 328 -14.91 -5.74 -3.56
CA ALA B 328 -15.33 -5.23 -4.86
C ALA B 328 -14.98 -3.76 -5.02
N SER B 329 -14.56 -3.12 -3.93
CA SER B 329 -14.05 -1.77 -4.02
C SER B 329 -12.92 -1.63 -3.02
N ASN B 330 -11.89 -2.46 -3.19
CA ASN B 330 -10.68 -2.29 -2.40
C ASN B 330 -9.37 -2.49 -3.18
N ASP B 331 -9.12 -3.67 -3.75
CA ASP B 331 -9.98 -4.85 -3.75
C ASP B 331 -9.44 -5.94 -2.85
N GLY B 332 -8.73 -5.57 -1.79
CA GLY B 332 -8.21 -6.54 -0.85
C GLY B 332 -8.84 -6.43 0.52
N GLY B 333 -8.55 -7.41 1.39
CA GLY B 333 -8.92 -7.31 2.78
C GLY B 333 -7.73 -6.92 3.66
N ASN B 334 -6.74 -6.23 3.09
CA ASN B 334 -5.53 -5.89 3.84
C ASN B 334 -5.66 -4.60 4.69
N LEU B 335 -6.16 -4.73 5.91
CA LEU B 335 -6.32 -3.58 6.79
C LEU B 335 -5.00 -2.81 7.04
N LEU B 336 -3.91 -3.53 7.29
CA LEU B 336 -2.63 -2.86 7.57
C LEU B 336 -2.17 -2.02 6.38
N GLY B 337 -2.26 -2.59 5.19
CA GLY B 337 -1.81 -1.88 4.00
C GLY B 337 -2.61 -0.62 3.74
N ASP B 338 -3.88 -0.64 4.15
CA ASP B 338 -4.74 0.52 3.96
C ASP B 338 -4.35 1.66 4.88
N LEU B 339 -3.76 1.33 6.03
CA LEU B 339 -3.29 2.35 6.95
C LEU B 339 -2.20 3.21 6.30
N ARG B 340 -1.30 2.58 5.54
CA ARG B 340 -0.27 3.31 4.81
C ARG B 340 -0.93 4.29 3.84
N LEU B 341 -1.98 3.82 3.20
CA LEU B 341 -2.73 4.63 2.25
C LEU B 341 -3.30 5.88 2.92
N ALA B 342 -3.85 5.73 4.12
CA ALA B 342 -4.40 6.87 4.86
C ALA B 342 -3.27 7.78 5.35
N ALA B 343 -2.14 7.18 5.73
CA ALA B 343 -1.04 7.95 6.26
C ALA B 343 -0.55 8.97 5.25
N LEU B 344 -0.58 8.58 3.97
CA LEU B 344 0.00 9.40 2.90
C LEU B 344 -1.06 10.25 2.23
N ALA B 345 -2.20 9.64 1.94
CA ALA B 345 -3.23 10.27 1.13
C ALA B 345 -3.81 11.52 1.78
N HIS B 346 -3.84 11.58 3.11
CA HIS B 346 -4.39 12.75 3.80
C HIS B 346 -3.51 14.01 3.73
N ARG B 347 -2.22 13.81 3.53
CA ARG B 347 -1.24 14.90 3.69
C ARG B 347 -1.42 16.09 2.75
N PRO B 348 -1.66 15.82 1.46
CA PRO B 348 -1.85 16.95 0.52
C PRO B 348 -3.12 17.76 0.76
N ALA B 349 -3.94 17.37 1.73
CA ALA B 349 -5.12 18.17 2.05
C ALA B 349 -4.72 19.34 2.94
N ASP B 350 -3.60 19.16 3.65
CA ASP B 350 -3.01 20.19 4.50
C ASP B 350 -1.51 20.37 4.22
N PRO B 351 -1.19 20.91 3.04
CA PRO B 351 0.18 21.05 2.51
C PRO B 351 1.13 21.71 3.50
N ASN B 352 0.64 22.67 4.28
CA ASN B 352 1.51 23.48 5.13
C ASN B 352 1.32 23.27 6.64
N GLU B 353 0.54 22.26 6.99
CA GLU B 353 0.29 21.96 8.41
C GLU B 353 0.47 20.48 8.73
N PRO B 354 1.73 20.03 8.83
CA PRO B 354 2.08 18.63 9.14
C PRO B 354 1.45 18.15 10.44
N GLU B 355 1.20 19.08 11.36
CA GLU B 355 0.62 18.75 12.65
C GLU B 355 -0.79 18.15 12.54
N LYS B 356 -1.43 18.38 11.39
CA LYS B 356 -2.78 17.84 11.15
C LYS B 356 -2.77 16.47 10.48
N TRP B 357 -1.64 16.10 9.89
CA TRP B 357 -1.49 14.79 9.24
C TRP B 357 -1.66 13.68 10.28
N LEU B 358 -2.36 12.61 9.91
CA LEU B 358 -2.55 11.49 10.82
C LEU B 358 -1.24 10.72 11.01
N SER B 359 -0.85 10.47 12.26
CA SER B 359 0.40 9.78 12.53
C SER B 359 0.22 8.28 12.46
N ALA B 360 1.33 7.55 12.44
CA ALA B 360 1.26 6.08 12.38
C ALA B 360 0.55 5.53 13.60
N ARG B 361 0.84 6.11 14.74
CA ARG B 361 0.26 5.66 16.00
C ARG B 361 -1.22 5.99 16.09
N GLU B 362 -1.63 7.12 15.53
CA GLU B 362 -3.06 7.45 15.47
C GLU B 362 -3.80 6.45 14.60
N LEU B 363 -3.20 6.11 13.47
CA LEU B 363 -3.81 5.16 12.55
C LEU B 363 -3.85 3.75 13.12
N LEU B 364 -2.76 3.36 13.77
CA LEU B 364 -2.72 2.06 14.43
C LEU B 364 -3.75 1.98 15.56
N ARG B 365 -4.03 3.10 16.20
CA ARG B 365 -5.03 3.13 17.26
C ARG B 365 -6.41 2.94 16.64
N MET B 366 -6.65 3.66 15.55
CA MET B 366 -7.91 3.55 14.84
C MET B 366 -8.21 2.10 14.51
N ALA B 367 -7.17 1.40 14.08
CA ALA B 367 -7.33 0.05 13.55
C ALA B 367 -7.45 -0.99 14.66
N THR B 368 -7.26 -0.57 15.91
CA THR B 368 -7.34 -1.49 17.04
C THR B 368 -8.37 -0.96 18.04
N ARG B 369 -7.94 -0.08 18.94
CA ARG B 369 -8.82 0.43 19.98
C ARG B 369 -10.02 1.22 19.44
N GLY B 370 -9.78 2.02 18.42
CA GLY B 370 -10.86 2.77 17.78
C GLY B 370 -11.94 1.85 17.26
N SER B 371 -11.55 0.89 16.43
CA SER B 371 -12.49 -0.11 15.92
C SER B 371 -13.21 -0.88 17.04
N ALA B 372 -12.47 -1.25 18.07
CA ALA B 372 -13.05 -1.93 19.22
C ALA B 372 -14.22 -1.11 19.76
N GLU B 373 -13.97 0.18 19.94
CA GLU B 373 -14.97 1.11 20.45
C GLU B 373 -16.13 1.30 19.47
N CYS B 374 -15.85 1.27 18.17
CA CYS B 374 -16.94 1.31 17.19
C CYS B 374 -17.90 0.14 17.43
N LEU B 375 -17.34 -1.04 17.67
CA LEU B 375 -18.15 -2.26 17.81
C LEU B 375 -18.69 -2.44 19.22
N GLY B 376 -18.41 -1.48 20.09
CA GLY B 376 -18.80 -1.59 21.48
C GLY B 376 -18.14 -2.76 22.19
N ARG B 377 -16.84 -2.95 21.94
CA ARG B 377 -16.07 -4.00 22.61
C ARG B 377 -15.02 -3.38 23.53
N PRO B 378 -15.35 -3.19 24.82
CA PRO B 378 -14.29 -2.70 25.73
C PRO B 378 -13.38 -3.84 26.15
N ASP B 379 -13.65 -5.05 25.68
CA ASP B 379 -12.79 -6.20 25.99
C ASP B 379 -11.71 -6.41 24.92
N LEU B 380 -11.71 -5.57 23.89
CA LEU B 380 -10.78 -5.72 22.76
C LEU B 380 -9.98 -4.44 22.52
N GLY B 381 -8.96 -4.55 21.67
CA GLY B 381 -8.24 -3.40 21.14
C GLY B 381 -7.15 -2.81 22.02
N VAL B 382 -6.83 -3.48 23.12
CA VAL B 382 -5.86 -2.97 24.08
C VAL B 382 -5.11 -4.13 24.72
N LEU B 383 -3.78 -4.05 24.76
CA LEU B 383 -3.00 -5.11 25.40
C LEU B 383 -2.82 -4.80 26.87
N GLU B 384 -3.76 -5.24 27.70
CA GLU B 384 -3.62 -5.08 29.15
C GLU B 384 -4.38 -6.17 29.88
N GLU B 385 -4.02 -6.36 31.15
CA GLU B 385 -4.65 -7.38 31.98
C GLU B 385 -6.16 -7.23 31.97
N GLY B 386 -6.86 -8.35 31.76
CA GLY B 386 -8.31 -8.36 31.79
C GLY B 386 -8.98 -8.27 30.43
N ARG B 387 -8.24 -7.82 29.43
CA ARG B 387 -8.76 -7.72 28.07
C ARG B 387 -8.58 -9.06 27.38
N ALA B 388 -9.23 -9.22 26.22
CA ALA B 388 -9.14 -10.46 25.45
C ALA B 388 -7.73 -10.70 24.89
N ALA B 389 -7.30 -11.97 24.90
CA ALA B 389 -6.03 -12.32 24.28
C ALA B 389 -6.21 -12.35 22.78
N ASP B 390 -6.38 -11.16 22.20
CA ASP B 390 -6.44 -10.99 20.75
C ASP B 390 -5.18 -10.20 20.38
N ILE B 391 -4.21 -10.88 19.78
CA ILE B 391 -2.89 -10.31 19.60
C ILE B 391 -2.37 -10.56 18.19
N ALA B 392 -1.75 -9.54 17.61
CA ALA B 392 -1.17 -9.67 16.28
C ALA B 392 0.28 -9.19 16.34
N CYS B 393 1.19 -10.00 15.81
CA CYS B 393 2.62 -9.66 15.83
C CYS B 393 3.21 -9.71 14.43
N TRP B 394 4.14 -8.81 14.16
CA TRP B 394 4.86 -8.79 12.89
C TRP B 394 6.37 -8.85 13.13
N ARG B 395 7.09 -9.54 12.24
CA ARG B 395 8.54 -9.61 12.39
C ARG B 395 9.18 -8.28 12.02
N LEU B 396 10.28 -7.94 12.70
CA LEU B 396 10.96 -6.68 12.44
C LEU B 396 12.33 -6.89 11.82
N ASP B 397 12.69 -8.16 11.64
CA ASP B 397 14.05 -8.49 11.23
C ASP B 397 14.18 -8.93 9.77
N GLY B 398 13.29 -8.45 8.90
CA GLY B 398 13.41 -8.73 7.49
C GLY B 398 14.28 -7.70 6.79
N VAL B 399 14.86 -8.07 5.65
CA VAL B 399 15.76 -7.16 4.94
C VAL B 399 15.02 -5.90 4.54
N ASP B 400 13.70 -6.00 4.39
CA ASP B 400 12.90 -4.85 3.96
C ASP B 400 12.57 -3.90 5.11
N ARG B 401 13.00 -4.25 6.32
CA ARG B 401 12.82 -3.34 7.44
C ARG B 401 14.13 -2.93 8.12
N VAL B 402 15.27 -3.25 7.51
CA VAL B 402 16.54 -2.76 8.04
C VAL B 402 16.59 -1.23 8.00
N GLY B 403 17.19 -0.61 9.01
CA GLY B 403 17.30 0.85 9.03
C GLY B 403 16.11 1.54 9.65
N VAL B 404 15.11 0.76 10.06
CA VAL B 404 13.95 1.34 10.72
C VAL B 404 14.29 1.79 12.13
N HIS B 405 13.97 3.03 12.45
CA HIS B 405 14.29 3.55 13.77
C HIS B 405 13.10 3.47 14.73
N ASP B 406 11.89 3.55 14.20
CA ASP B 406 10.71 3.39 15.04
C ASP B 406 9.82 2.31 14.44
N PRO B 407 9.72 1.15 15.13
CA PRO B 407 9.01 -0.05 14.69
C PRO B 407 7.52 0.18 14.38
N ALA B 408 6.83 0.96 15.22
CA ALA B 408 5.42 1.27 14.96
C ALA B 408 5.26 2.05 13.66
N ILE B 409 6.11 3.07 13.48
CA ILE B 409 6.14 3.82 12.22
C ILE B 409 6.59 2.93 11.05
N GLY B 410 7.55 2.05 11.30
CA GLY B 410 8.05 1.15 10.28
C GLY B 410 6.96 0.21 9.78
N LEU B 411 6.09 -0.23 10.70
CA LEU B 411 5.00 -1.13 10.36
C LEU B 411 4.12 -0.56 9.24
N ILE B 412 3.94 0.76 9.25
CA ILE B 412 3.11 1.43 8.26
C ILE B 412 3.91 1.91 7.04
N MET B 413 5.15 2.33 7.26
CA MET B 413 5.89 3.07 6.25
C MET B 413 6.94 2.26 5.50
N THR B 414 7.08 0.98 5.85
CA THR B 414 8.05 0.13 5.15
C THR B 414 7.47 -1.26 4.90
N GLY B 415 8.17 -2.06 4.11
CA GLY B 415 7.85 -3.47 3.98
C GLY B 415 7.36 -3.91 2.62
N LEU B 416 7.77 -5.12 2.24
CA LEU B 416 7.26 -5.75 1.03
C LEU B 416 5.97 -6.52 1.33
N SER B 417 5.68 -6.75 2.61
CA SER B 417 4.56 -7.63 2.96
C SER B 417 3.89 -7.25 4.27
N ASP B 418 2.57 -7.36 4.32
CA ASP B 418 1.82 -7.06 5.54
C ASP B 418 1.42 -8.33 6.30
N ARG B 419 2.04 -9.45 5.93
CA ARG B 419 1.75 -10.73 6.58
C ARG B 419 2.15 -10.71 8.05
N ALA B 420 1.20 -11.04 8.92
CA ALA B 420 1.48 -11.15 10.35
C ALA B 420 2.27 -12.41 10.64
N SER B 421 3.11 -12.37 11.67
CA SER B 421 3.94 -13.53 11.98
C SER B 421 3.19 -14.44 12.92
N LEU B 422 2.62 -13.84 13.96
CA LEU B 422 1.93 -14.57 15.02
C LEU B 422 0.59 -13.92 15.30
N VAL B 423 -0.48 -14.71 15.27
CA VAL B 423 -1.81 -14.18 15.47
C VAL B 423 -2.58 -15.06 16.45
N VAL B 424 -3.06 -14.42 17.52
CA VAL B 424 -3.79 -15.11 18.57
C VAL B 424 -5.18 -14.48 18.69
N VAL B 425 -6.21 -15.31 18.68
CA VAL B 425 -7.57 -14.82 18.86
C VAL B 425 -8.24 -15.58 20.00
N ASN B 426 -8.76 -14.84 20.97
CA ASN B 426 -9.43 -15.43 22.11
C ASN B 426 -8.53 -16.43 22.85
N GLY B 427 -7.23 -16.14 22.84
CA GLY B 427 -6.26 -16.99 23.53
C GLY B 427 -5.85 -18.20 22.70
N GLN B 428 -6.36 -18.30 21.49
CA GLN B 428 -6.01 -19.41 20.61
C GLN B 428 -5.01 -18.97 19.54
N VAL B 429 -3.87 -19.67 19.44
CA VAL B 429 -2.89 -19.35 18.40
C VAL B 429 -3.40 -19.82 17.05
N LEU B 430 -3.62 -18.89 16.12
CA LEU B 430 -4.20 -19.25 14.83
C LEU B 430 -3.24 -19.11 13.67
N VAL B 431 -2.24 -18.25 13.85
CA VAL B 431 -1.16 -18.08 12.88
C VAL B 431 0.15 -18.08 13.64
N GLU B 432 1.12 -18.85 13.16
CA GLU B 432 2.46 -18.77 13.73
C GLU B 432 3.48 -18.93 12.61
N ASN B 433 4.59 -18.19 12.72
CA ASN B 433 5.58 -18.16 11.66
C ASN B 433 4.92 -17.85 10.31
N GLU B 434 3.93 -16.95 10.34
CA GLU B 434 3.27 -16.52 9.11
C GLU B 434 2.44 -17.62 8.45
N ARG B 435 2.17 -18.69 9.18
CA ARG B 435 1.44 -19.80 8.61
C ARG B 435 0.23 -20.18 9.45
N PRO B 436 -0.90 -20.48 8.80
CA PRO B 436 -2.09 -20.92 9.54
C PRO B 436 -1.75 -22.13 10.41
N VAL B 437 -2.19 -22.10 11.66
CA VAL B 437 -1.93 -23.19 12.58
C VAL B 437 -2.94 -24.33 12.36
N LEU B 438 -4.21 -23.96 12.22
CA LEU B 438 -5.29 -24.94 12.16
C LEU B 438 -5.92 -25.06 10.77
N ALA B 439 -5.92 -23.96 10.02
CA ALA B 439 -6.57 -23.97 8.72
C ALA B 439 -5.71 -24.63 7.64
N ASP B 440 -6.37 -25.37 6.75
CA ASP B 440 -5.73 -25.97 5.58
C ASP B 440 -5.78 -24.97 4.44
N LEU B 441 -4.75 -24.13 4.36
CA LEU B 441 -4.77 -23.03 3.42
C LEU B 441 -4.97 -23.48 1.96
N GLU B 442 -4.20 -24.49 1.55
CA GLU B 442 -4.27 -24.98 0.17
C GLU B 442 -5.64 -25.57 -0.16
N ARG B 443 -6.26 -26.20 0.81
CA ARG B 443 -7.57 -26.81 0.61
C ARG B 443 -8.63 -25.73 0.48
N ILE B 444 -8.50 -24.70 1.30
CA ILE B 444 -9.45 -23.59 1.29
C ILE B 444 -9.33 -22.83 -0.02
N VAL B 445 -8.09 -22.60 -0.47
CA VAL B 445 -7.85 -21.90 -1.74
C VAL B 445 -8.47 -22.66 -2.92
N ALA B 446 -8.24 -23.97 -3.00
CA ALA B 446 -8.80 -24.75 -4.08
C ALA B 446 -10.34 -24.81 -4.00
N ASN B 447 -10.86 -25.09 -2.82
CA ASN B 447 -12.31 -25.22 -2.70
C ASN B 447 -13.01 -23.92 -3.07
N THR B 448 -12.50 -22.79 -2.58
CA THR B 448 -13.16 -21.52 -2.83
C THR B 448 -13.00 -21.10 -4.29
N THR B 449 -11.81 -21.30 -4.83
CA THR B 449 -11.52 -20.94 -6.22
C THR B 449 -12.48 -21.67 -7.17
N ALA B 450 -12.77 -22.94 -6.86
CA ALA B 450 -13.67 -23.73 -7.70
C ALA B 450 -15.08 -23.14 -7.72
N LEU B 451 -15.40 -22.33 -6.72
CA LEU B 451 -16.76 -21.84 -6.55
C LEU B 451 -16.96 -20.40 -7.00
N ILE B 452 -15.88 -19.72 -7.37
CA ILE B 452 -15.98 -18.35 -7.87
C ILE B 452 -16.68 -18.36 -9.23
N PRO B 453 -17.75 -17.57 -9.38
CA PRO B 453 -18.44 -17.53 -10.67
C PRO B 453 -17.53 -16.94 -11.76
N1 RYN C . 13.47 15.08 -2.62
C2 RYN C . 13.36 13.92 -2.01
N3 RYN C . 14.46 13.25 -1.58
C4 RYN C . 15.70 13.81 -1.81
N5 RYN C . 15.80 15.00 -2.43
C6 RYN C . 14.75 15.64 -2.85
N7 RYN C . 16.93 13.23 -1.37
C8 RYN C . 18.32 13.40 -1.08
C9 RYN C . 18.50 14.42 -0.01
C10 RYN C . 19.16 12.17 -0.97
N11 RYN C . 14.98 16.88 -3.50
C12 RYN C . 15.77 18.03 -3.83
C13 RYN C . 16.70 18.42 -2.73
S21 RYN C . 11.77 13.23 -1.72
C22 RYN C . 10.59 14.43 -2.21
ZN ZN D . 15.22 12.28 -5.25
ZN ZN E . -20.17 -0.68 2.97
#